data_2BGH
#
_entry.id   2BGH
#
_cell.length_a   82.715
_cell.length_b   90.455
_cell.length_c   136.966
_cell.angle_alpha   90.00
_cell.angle_beta   90.00
_cell.angle_gamma   90.00
#
_symmetry.space_group_name_H-M   'P 21 21 21'
#
loop_
_entity.id
_entity.type
_entity.pdbx_description
1 polymer 'VINORINE SYNTHASE'
2 water water
#
_entity_poly.entity_id   1
_entity_poly.type   'polypeptide(L)'
_entity_poly.pdbx_seq_one_letter_code
;MAPQMEKVSEELILPSSPTPQSLKCYKISHLDQLLLTCHIPFILFYPNPLDSNLDPAQTSQHLKQSLSKVLTHFYPLAGR
INVNSSVDCNDSGVPFVEARVQAQLSQAIQNVVELEKLDQYLPSAAYPGGKIEVNEDVPLAVKISFFECGGTAIGVNLSH
KIADVLSLATFLNAWTATCRGETEIVLPNFDLAARHFPPVDNTPSPELVPDENVVMKRFVFDKEKIGALRAQASSASEEK
NFSRVQLVVAYIWKHVIDVTRAKYGAKNKFVVVQAVNLRSRMNPPLPHYAMGNIATLLFAAVDAEWDKDFPDLIGPLRTS
LEKTEDDHNHELLKGMTCLYELEPQELLSFTSWCRLGFYDLDFGWGKPLSACTTTFPKRNAALLMDTRSGDGVEAWLPMA
EDEMAMLPVELLSLVDSDFSK
;
_entity_poly.pdbx_strand_id   A,B
#
# COMPACT_ATOMS: atom_id res chain seq x y z
N GLN A 4 11.69 -12.03 -21.94
CA GLN A 4 11.23 -12.94 -20.83
C GLN A 4 11.38 -12.32 -19.42
N MET A 5 10.26 -11.94 -18.81
CA MET A 5 10.29 -11.33 -17.47
C MET A 5 9.57 -12.13 -16.37
N GLU A 6 10.02 -11.96 -15.13
CA GLU A 6 9.32 -12.50 -13.97
C GLU A 6 8.97 -11.40 -12.99
N LYS A 7 7.76 -11.49 -12.46
CA LYS A 7 7.26 -10.56 -11.44
C LYS A 7 7.99 -10.83 -10.12
N VAL A 8 8.50 -9.76 -9.50
CA VAL A 8 9.17 -9.87 -8.21
C VAL A 8 8.18 -9.62 -7.05
N SER A 9 7.28 -8.66 -7.25
CA SER A 9 6.42 -8.17 -6.18
C SER A 9 5.36 -7.21 -6.64
N GLU A 10 4.27 -7.10 -5.87
CA GLU A 10 3.33 -6.02 -6.08
C GLU A 10 2.96 -5.50 -4.71
N GLU A 11 2.94 -4.18 -4.57
CA GLU A 11 2.65 -3.53 -3.30
C GLU A 11 1.76 -2.36 -3.66
N LEU A 12 1.04 -1.84 -2.66
CA LEU A 12 0.26 -0.60 -2.82
C LEU A 12 0.96 0.55 -2.10
N ILE A 13 1.32 1.61 -2.84
CA ILE A 13 1.97 2.79 -2.26
C ILE A 13 0.94 3.77 -1.74
N LEU A 14 1.06 4.07 -0.45
CA LEU A 14 0.18 5.04 0.18
C LEU A 14 0.86 6.43 0.24
N PRO A 15 0.07 7.51 0.38
CA PRO A 15 0.71 8.80 0.69
C PRO A 15 1.43 8.71 2.02
N SER A 16 2.53 9.44 2.21
CA SER A 16 3.33 9.23 3.40
C SER A 16 2.60 9.63 4.71
N SER A 17 1.68 10.59 4.61
CA SER A 17 0.78 10.86 5.74
C SER A 17 -0.65 10.71 5.24
N PRO A 18 -1.50 9.96 5.98
CA PRO A 18 -2.88 9.72 5.55
C PRO A 18 -3.65 10.96 5.13
N THR A 19 -4.55 10.79 4.17
CA THR A 19 -5.37 11.90 3.73
C THR A 19 -6.35 12.25 4.81
N PRO A 20 -6.29 13.50 5.30
CA PRO A 20 -7.28 13.97 6.28
C PRO A 20 -8.70 13.76 5.73
N GLN A 21 -9.56 13.14 6.54
CA GLN A 21 -10.99 13.07 6.24
C GLN A 21 -11.53 14.43 5.76
N SER A 22 -10.89 15.49 6.24
CA SER A 22 -11.18 16.87 5.83
C SER A 22 -10.96 17.23 4.35
N LEU A 23 -9.95 16.65 3.71
CA LEU A 23 -9.22 17.36 2.64
C LEU A 23 -9.91 17.60 1.28
N LYS A 24 -10.96 16.87 0.95
CA LYS A 24 -11.70 17.12 -0.31
C LYS A 24 -10.99 16.48 -1.49
N CYS A 25 -11.60 15.45 -2.05
CA CYS A 25 -11.02 14.72 -3.14
C CYS A 25 -11.36 15.44 -4.44
N TYR A 26 -10.68 15.05 -5.51
CA TYR A 26 -10.93 15.54 -6.86
C TYR A 26 -12.40 15.39 -7.24
N LYS A 27 -13.00 16.51 -7.65
CA LYS A 27 -14.35 16.52 -8.15
C LYS A 27 -14.35 16.31 -9.66
N ILE A 28 -15.20 15.41 -10.13
CA ILE A 28 -15.28 15.02 -11.53
C ILE A 28 -15.96 16.12 -12.34
N SER A 29 -15.34 16.55 -13.44
CA SER A 29 -15.93 17.61 -14.29
C SER A 29 -16.75 16.99 -15.40
N HIS A 30 -17.47 17.83 -16.12
CA HIS A 30 -18.20 17.43 -17.29
C HIS A 30 -17.26 16.80 -18.33
N LEU A 31 -16.12 17.44 -18.58
CA LEU A 31 -15.16 16.92 -19.55
C LEU A 31 -14.69 15.52 -19.17
N ASP A 32 -14.35 15.29 -17.91
CA ASP A 32 -14.02 13.93 -17.40
C ASP A 32 -15.13 12.93 -17.68
N GLN A 33 -16.39 13.34 -17.51
CA GLN A 33 -17.52 12.41 -17.64
C GLN A 33 -17.59 11.89 -19.06
N LEU A 34 -17.18 12.72 -20.00
CA LEU A 34 -17.24 12.40 -21.42
C LEU A 34 -16.07 11.51 -21.87
N LEU A 35 -15.09 11.34 -21.00
CA LEU A 35 -13.92 10.52 -21.35
C LEU A 35 -14.06 9.04 -21.05
N LEU A 36 -13.20 8.22 -21.63
CA LEU A 36 -13.19 6.80 -21.37
C LEU A 36 -12.65 6.49 -19.97
N THR A 37 -13.00 5.33 -19.42
CA THR A 37 -12.31 4.80 -18.26
C THR A 37 -11.05 3.96 -18.61
N CYS A 38 -10.57 4.00 -19.86
CA CYS A 38 -9.31 3.33 -20.17
C CYS A 38 -8.13 4.10 -19.59
N HIS A 39 -6.93 3.50 -19.52
CA HIS A 39 -5.81 4.29 -18.98
C HIS A 39 -4.90 4.84 -20.09
N ILE A 40 -4.16 5.90 -19.76
CA ILE A 40 -3.15 6.46 -20.64
C ILE A 40 -1.90 5.63 -20.34
N PRO A 41 -1.46 4.79 -21.31
CA PRO A 41 -0.27 4.01 -20.96
C PRO A 41 1.00 4.73 -21.38
N PHE A 42 1.99 4.81 -20.48
CA PHE A 42 3.19 5.61 -20.70
C PHE A 42 4.43 4.85 -20.23
N ILE A 43 5.49 4.82 -21.06
CA ILE A 43 6.67 4.01 -20.75
C ILE A 43 8.00 4.72 -21.01
N LEU A 44 8.86 4.75 -19.98
CA LEU A 44 10.19 5.33 -20.12
C LEU A 44 11.22 4.21 -20.03
N PHE A 45 12.21 4.25 -20.90
CA PHE A 45 13.32 3.33 -20.80
C PHE A 45 14.55 4.16 -20.49
N TYR A 46 15.26 3.75 -19.44
CA TYR A 46 16.47 4.41 -18.99
C TYR A 46 17.63 3.46 -19.20
N PRO A 47 18.74 3.98 -19.72
CA PRO A 47 19.94 3.13 -19.79
C PRO A 47 20.51 2.86 -18.41
N ASN A 48 21.55 2.04 -18.37
CA ASN A 48 22.31 1.87 -17.15
C ASN A 48 23.13 3.16 -16.91
N PRO A 49 22.93 3.80 -15.74
CA PRO A 49 23.54 5.11 -15.38
C PRO A 49 25.07 5.07 -15.44
N LEU A 50 25.69 6.24 -15.65
CA LEU A 50 27.14 6.28 -15.65
C LEU A 50 27.75 6.73 -14.32
N ASP A 51 26.97 7.41 -13.47
CA ASP A 51 27.45 7.85 -12.14
C ASP A 51 27.23 6.81 -11.03
N SER A 52 26.03 6.24 -10.99
CA SER A 52 25.61 5.40 -9.89
C SER A 52 25.74 3.90 -10.16
N ASN A 53 25.75 3.13 -9.07
CA ASN A 53 25.89 1.68 -9.10
C ASN A 53 24.90 1.07 -8.11
N LEU A 54 23.66 1.57 -8.17
CA LEU A 54 22.61 1.18 -7.23
C LEU A 54 21.96 -0.17 -7.56
N ASP A 55 21.80 -1.00 -6.52
CA ASP A 55 21.01 -2.24 -6.52
C ASP A 55 19.54 -2.01 -6.93
N PRO A 56 18.97 -2.95 -7.73
CA PRO A 56 17.52 -2.87 -7.94
C PRO A 56 16.78 -2.48 -6.66
N ALA A 57 17.05 -3.15 -5.55
CA ALA A 57 16.40 -2.90 -4.26
C ALA A 57 16.47 -1.44 -3.88
N GLN A 58 17.69 -0.87 -3.95
CA GLN A 58 17.95 0.55 -3.67
C GLN A 58 17.23 1.47 -4.64
N THR A 59 17.32 1.18 -5.93
CA THR A 59 16.59 1.94 -6.95
C THR A 59 15.07 1.91 -6.70
N SER A 60 14.53 0.73 -6.40
CA SER A 60 13.09 0.66 -6.03
C SER A 60 12.72 1.43 -4.77
N GLN A 61 13.57 1.37 -3.74
CA GLN A 61 13.35 2.13 -2.52
C GLN A 61 13.26 3.63 -2.77
N HIS A 62 14.21 4.19 -3.53
CA HIS A 62 14.13 5.63 -3.88
C HIS A 62 12.80 5.93 -4.54
N LEU A 63 12.40 5.07 -5.48
CA LEU A 63 11.16 5.28 -6.23
C LEU A 63 9.92 5.18 -5.38
N LYS A 64 9.82 4.12 -4.58
CA LYS A 64 8.66 3.93 -3.71
C LYS A 64 8.53 5.01 -2.62
N GLN A 65 9.63 5.32 -1.92
CA GLN A 65 9.58 6.34 -0.90
C GLN A 65 9.18 7.69 -1.51
N SER A 66 9.73 8.01 -2.69
CA SER A 66 9.43 9.31 -3.31
C SER A 66 8.00 9.34 -3.85
N LEU A 67 7.51 8.23 -4.38
CA LEU A 67 6.08 8.16 -4.77
C LEU A 67 5.23 8.47 -3.54
N SER A 68 5.54 7.83 -2.42
CA SER A 68 4.75 7.93 -1.20
C SER A 68 4.70 9.36 -0.72
N LYS A 69 5.84 10.02 -0.73
CA LYS A 69 5.96 11.42 -0.36
C LYS A 69 5.07 12.26 -1.27
N VAL A 70 5.18 12.07 -2.59
CA VAL A 70 4.49 12.94 -3.54
C VAL A 70 2.97 12.70 -3.57
N LEU A 71 2.54 11.54 -3.10
CA LEU A 71 1.11 11.24 -3.12
C LEU A 71 0.42 12.04 -2.05
N THR A 72 1.21 12.69 -1.21
CA THR A 72 0.63 13.55 -0.18
C THR A 72 0.04 14.78 -0.87
N HIS A 73 0.60 15.11 -2.02
CA HIS A 73 0.12 16.24 -2.77
C HIS A 73 -0.85 15.79 -3.85
N PHE A 74 -0.62 14.60 -4.38
CA PHE A 74 -1.48 14.02 -5.40
C PHE A 74 -2.40 12.91 -4.79
N TYR A 75 -2.90 13.13 -3.57
CA TYR A 75 -3.64 12.09 -2.84
C TYR A 75 -4.82 11.50 -3.61
N PRO A 76 -5.54 12.30 -4.43
CA PRO A 76 -6.60 11.64 -5.19
C PRO A 76 -6.12 10.47 -5.99
N LEU A 77 -4.84 10.44 -6.35
CA LEU A 77 -4.32 9.38 -7.17
C LEU A 77 -4.20 8.06 -6.43
N ALA A 78 -4.40 8.11 -5.11
CA ALA A 78 -4.38 6.90 -4.28
C ALA A 78 -5.76 6.44 -3.87
N GLY A 79 -6.75 7.17 -4.37
CA GLY A 79 -8.13 6.85 -4.06
C GLY A 79 -8.64 5.84 -5.07
N ARG A 80 -9.96 5.75 -5.17
CA ARG A 80 -10.59 4.88 -6.14
C ARG A 80 -11.71 5.66 -6.80
N ILE A 81 -11.86 5.45 -8.10
CA ILE A 81 -12.85 6.18 -8.88
C ILE A 81 -14.22 5.55 -8.75
N ASN A 82 -15.22 6.39 -8.68
CA ASN A 82 -16.57 5.96 -8.51
C ASN A 82 -17.28 6.45 -9.77
N VAL A 83 -17.33 5.59 -10.79
CA VAL A 83 -17.51 6.08 -12.14
C VAL A 83 -18.83 6.81 -12.43
N ASN A 84 -18.65 7.73 -13.37
CA ASN A 84 -19.26 9.01 -13.59
C ASN A 84 -19.37 10.14 -12.60
N SER A 85 -19.21 9.89 -11.31
CA SER A 85 -19.48 10.99 -10.39
C SER A 85 -18.36 11.57 -9.56
N SER A 86 -17.46 10.73 -9.03
CA SER A 86 -16.45 11.21 -8.08
C SER A 86 -15.35 10.21 -7.83
N VAL A 87 -14.43 10.61 -6.94
CA VAL A 87 -13.31 9.79 -6.52
C VAL A 87 -13.31 9.71 -5.02
N ASP A 88 -13.26 8.50 -4.46
CA ASP A 88 -13.13 8.33 -3.02
C ASP A 88 -11.66 8.45 -2.69
N CYS A 89 -11.33 9.44 -1.87
CA CYS A 89 -9.97 9.59 -1.39
C CYS A 89 -9.71 8.64 -0.21
N ASN A 90 -9.90 7.35 -0.41
CA ASN A 90 -9.83 6.43 0.69
C ASN A 90 -8.43 5.86 0.95
N ASP A 91 -7.41 6.42 0.31
CA ASP A 91 -6.03 5.92 0.44
C ASP A 91 -5.95 4.38 0.26
N SER A 92 -6.53 3.86 -0.82
CA SER A 92 -6.40 2.45 -1.14
C SER A 92 -5.00 2.16 -1.65
N GLY A 93 -4.38 3.13 -2.33
CA GLY A 93 -2.96 3.03 -2.67
C GLY A 93 -2.70 2.77 -4.14
N VAL A 94 -1.51 3.11 -4.63
CA VAL A 94 -1.22 2.83 -6.02
C VAL A 94 -0.43 1.54 -6.20
N PRO A 95 -0.98 0.60 -7.00
CA PRO A 95 -0.28 -0.61 -7.36
C PRO A 95 1.12 -0.30 -7.87
N PHE A 96 2.13 -0.98 -7.31
CA PHE A 96 3.52 -0.78 -7.68
C PHE A 96 4.16 -2.12 -8.01
N VAL A 97 4.44 -2.36 -9.29
CA VAL A 97 4.84 -3.72 -9.71
C VAL A 97 6.33 -3.74 -9.98
N GLU A 98 6.99 -4.80 -9.54
CA GLU A 98 8.40 -4.92 -9.80
C GLU A 98 8.67 -6.18 -10.57
N ALA A 99 9.44 -6.05 -11.64
CA ALA A 99 9.83 -7.19 -12.44
C ALA A 99 11.32 -7.25 -12.82
N ARG A 100 11.81 -8.45 -13.09
CA ARG A 100 13.19 -8.67 -13.53
C ARG A 100 13.06 -9.23 -14.95
N VAL A 101 13.85 -8.72 -15.89
CA VAL A 101 13.85 -9.25 -17.26
C VAL A 101 15.20 -9.86 -17.65
N GLN A 102 15.15 -11.10 -18.11
CA GLN A 102 16.34 -11.86 -18.43
C GLN A 102 16.94 -11.46 -19.78
N ALA A 103 17.36 -10.20 -19.87
CA ALA A 103 17.97 -9.62 -21.08
C ALA A 103 18.48 -8.23 -20.78
N GLN A 104 19.39 -7.75 -21.62
CA GLN A 104 19.87 -6.36 -21.59
C GLN A 104 18.91 -5.42 -22.33
N LEU A 105 18.83 -4.18 -21.84
CA LEU A 105 17.92 -3.14 -22.37
C LEU A 105 18.02 -3.00 -23.88
N SER A 106 19.21 -2.74 -24.35
CA SER A 106 19.45 -2.57 -25.78
C SER A 106 18.92 -3.74 -26.61
N GLN A 107 19.20 -4.95 -26.15
CA GLN A 107 18.81 -6.18 -26.85
C GLN A 107 17.29 -6.30 -26.89
N ALA A 108 16.65 -5.91 -25.80
CA ALA A 108 15.21 -6.05 -25.64
C ALA A 108 14.46 -5.05 -26.52
N ILE A 109 15.00 -3.85 -26.73
CA ILE A 109 14.18 -2.80 -27.39
C ILE A 109 14.70 -2.22 -28.72
N GLN A 110 15.66 -2.92 -29.34
CA GLN A 110 16.27 -2.45 -30.59
C GLN A 110 15.51 -2.91 -31.83
N ASN A 111 14.57 -3.81 -31.64
CA ASN A 111 13.79 -4.31 -32.76
C ASN A 111 12.42 -4.78 -32.33
N VAL A 112 11.62 -3.85 -31.82
CA VAL A 112 10.28 -4.18 -31.36
C VAL A 112 9.34 -4.23 -32.57
N VAL A 113 9.15 -5.45 -33.08
CA VAL A 113 8.40 -5.72 -34.30
C VAL A 113 6.88 -5.54 -34.11
N GLU A 114 6.38 -6.00 -32.97
CA GLU A 114 5.00 -5.78 -32.57
C GLU A 114 5.07 -4.85 -31.40
N LEU A 115 4.52 -3.65 -31.56
CA LEU A 115 4.56 -2.67 -30.51
C LEU A 115 3.65 -3.08 -29.35
N GLU A 116 2.82 -4.09 -29.59
CA GLU A 116 1.90 -4.58 -28.57
C GLU A 116 2.65 -5.25 -27.43
N LYS A 117 3.77 -5.90 -27.76
CA LYS A 117 4.64 -6.49 -26.75
C LYS A 117 5.22 -5.50 -25.71
N LEU A 118 4.98 -4.19 -25.87
CA LEU A 118 5.42 -3.23 -24.85
C LEU A 118 4.50 -3.28 -23.63
N ASP A 119 3.31 -3.85 -23.80
CA ASP A 119 2.39 -4.24 -22.73
C ASP A 119 3.06 -4.76 -21.47
N GLN A 120 4.06 -5.60 -21.64
CA GLN A 120 4.71 -6.24 -20.50
C GLN A 120 5.33 -5.27 -19.48
N TYR A 121 5.67 -4.03 -19.93
CA TYR A 121 6.25 -2.99 -19.06
C TYR A 121 5.21 -2.17 -18.32
N LEU A 122 3.92 -2.38 -18.68
CA LEU A 122 2.78 -1.75 -17.99
C LEU A 122 2.46 -2.61 -16.76
N PRO A 123 1.97 -1.99 -15.67
CA PRO A 123 1.61 -2.71 -14.46
C PRO A 123 0.28 -3.37 -14.54
N SER A 124 -0.53 -3.02 -15.53
CA SER A 124 -1.92 -3.54 -15.60
C SER A 124 -2.43 -3.28 -16.99
N ALA A 125 -3.65 -3.71 -17.30
CA ALA A 125 -4.22 -3.40 -18.58
C ALA A 125 -4.57 -1.91 -18.67
N ALA A 126 -4.23 -1.31 -19.81
CA ALA A 126 -4.69 0.02 -20.20
C ALA A 126 -6.00 -0.06 -21.01
N TYR A 127 -6.10 -1.06 -21.87
CA TYR A 127 -7.22 -1.16 -22.80
C TYR A 127 -7.86 -2.52 -22.73
N PRO A 128 -9.12 -2.67 -23.22
CA PRO A 128 -9.72 -4.00 -23.22
C PRO A 128 -9.06 -4.87 -24.26
N GLY A 129 -9.35 -6.16 -24.24
CA GLY A 129 -8.89 -7.07 -25.27
C GLY A 129 -7.62 -7.85 -24.98
N GLY A 130 -7.09 -7.71 -23.77
CA GLY A 130 -5.96 -8.54 -23.34
C GLY A 130 -6.50 -9.61 -22.41
N LYS A 131 -5.60 -10.28 -21.69
CA LYS A 131 -6.06 -11.36 -20.81
C LYS A 131 -6.61 -10.89 -19.47
N ILE A 132 -6.09 -9.77 -18.98
CA ILE A 132 -6.54 -9.09 -17.76
C ILE A 132 -7.47 -7.93 -18.12
N GLU A 133 -8.59 -7.81 -17.41
CA GLU A 133 -9.51 -6.69 -17.60
C GLU A 133 -8.89 -5.39 -17.09
N VAL A 134 -9.30 -4.27 -17.68
CA VAL A 134 -8.93 -2.95 -17.17
C VAL A 134 -9.52 -2.81 -15.76
N ASN A 135 -8.74 -2.33 -14.78
CA ASN A 135 -9.35 -1.90 -13.51
C ASN A 135 -9.76 -0.43 -13.69
N GLU A 136 -11.05 -0.23 -13.95
CA GLU A 136 -11.53 1.11 -14.25
C GLU A 136 -11.56 2.06 -13.07
N ASP A 137 -11.47 1.56 -11.84
CA ASP A 137 -11.51 2.41 -10.66
C ASP A 137 -10.16 2.96 -10.20
N VAL A 138 -9.05 2.46 -10.77
CA VAL A 138 -7.72 2.71 -10.25
C VAL A 138 -7.12 3.90 -10.99
N PRO A 139 -6.95 5.03 -10.30
CA PRO A 139 -6.48 6.21 -11.02
C PRO A 139 -5.04 6.08 -11.49
N LEU A 140 -4.22 5.34 -10.75
CA LEU A 140 -2.77 5.32 -11.01
C LEU A 140 -2.16 3.97 -10.64
N ALA A 141 -1.30 3.44 -11.52
CA ALA A 141 -0.52 2.25 -11.22
C ALA A 141 0.84 2.39 -11.91
N VAL A 142 1.87 1.78 -11.32
CA VAL A 142 3.18 1.90 -11.89
C VAL A 142 3.92 0.56 -11.84
N LYS A 143 4.92 0.43 -12.71
CA LYS A 143 5.75 -0.76 -12.73
C LYS A 143 7.17 -0.38 -13.08
N ILE A 144 8.12 -0.99 -12.36
CA ILE A 144 9.52 -0.89 -12.73
C ILE A 144 10.11 -2.27 -13.07
N SER A 145 10.71 -2.36 -14.26
CA SER A 145 11.37 -3.58 -14.75
C SER A 145 12.89 -3.37 -14.79
N PHE A 146 13.65 -4.34 -14.30
CA PHE A 146 15.11 -4.22 -14.23
C PHE A 146 15.81 -5.15 -15.22
N PHE A 147 16.71 -4.57 -16.00
CA PHE A 147 17.42 -5.31 -17.01
C PHE A 147 18.75 -5.80 -16.46
N GLU A 148 19.37 -6.74 -17.17
CA GLU A 148 20.63 -7.31 -16.75
C GLU A 148 21.76 -6.29 -16.79
N CYS A 149 21.70 -5.35 -17.74
CA CYS A 149 22.71 -4.29 -17.86
C CYS A 149 22.71 -3.24 -16.73
N GLY A 150 21.58 -3.07 -16.04
CA GLY A 150 21.43 -1.99 -15.07
C GLY A 150 20.35 -1.03 -15.55
N GLY A 151 20.02 -1.13 -16.84
CA GLY A 151 18.92 -0.40 -17.45
C GLY A 151 17.57 -0.78 -16.89
N THR A 152 16.61 0.16 -17.00
CA THR A 152 15.27 -0.01 -16.42
C THR A 152 14.14 0.51 -17.33
N ALA A 153 12.93 0.02 -17.04
CA ALA A 153 11.74 0.58 -17.68
C ALA A 153 10.70 0.92 -16.61
N ILE A 154 10.19 2.16 -16.65
CA ILE A 154 9.10 2.59 -15.81
C ILE A 154 7.80 2.71 -16.64
N GLY A 155 6.81 1.86 -16.36
CA GLY A 155 5.49 1.94 -17.01
C GLY A 155 4.47 2.59 -16.10
N VAL A 156 3.65 3.50 -16.61
CA VAL A 156 2.63 4.16 -15.83
C VAL A 156 1.31 4.01 -16.56
N ASN A 157 0.25 3.62 -15.83
CA ASN A 157 -1.14 3.70 -16.29
C ASN A 157 -1.90 4.70 -15.41
N LEU A 158 -2.27 5.83 -16.01
CA LEU A 158 -3.00 6.91 -15.36
C LEU A 158 -4.37 6.95 -16.01
N SER A 159 -5.41 6.98 -15.19
CA SER A 159 -6.78 6.84 -15.71
C SER A 159 -7.19 8.05 -16.53
N HIS A 160 -7.82 7.79 -17.67
CA HIS A 160 -8.28 8.89 -18.50
C HIS A 160 -9.54 9.54 -17.99
N LYS A 161 -10.19 8.92 -17.01
CA LYS A 161 -11.39 9.52 -16.44
C LYS A 161 -10.94 10.63 -15.53
N ILE A 162 -9.65 10.68 -15.23
CA ILE A 162 -9.22 11.61 -14.20
C ILE A 162 -8.06 12.50 -14.62
N ALA A 163 -7.51 12.27 -15.82
CA ALA A 163 -6.33 12.99 -16.26
C ALA A 163 -6.19 13.01 -17.79
N ASP A 164 -5.70 14.13 -18.34
CA ASP A 164 -5.19 14.16 -19.71
C ASP A 164 -3.66 14.05 -19.64
N VAL A 165 -2.96 14.11 -20.76
CA VAL A 165 -1.52 13.91 -20.74
C VAL A 165 -0.80 15.09 -20.07
N LEU A 166 -1.35 16.30 -20.15
CA LEU A 166 -0.80 17.40 -19.38
C LEU A 166 -0.83 17.04 -17.89
N SER A 167 -1.93 16.45 -17.43
CA SER A 167 -1.97 16.01 -16.02
C SER A 167 -0.94 14.87 -15.69
N LEU A 168 -0.71 13.99 -16.65
CA LEU A 168 0.34 13.02 -16.49
C LEU A 168 1.67 13.70 -16.26
N ALA A 169 1.94 14.75 -17.02
CA ALA A 169 3.20 15.47 -16.96
C ALA A 169 3.34 16.25 -15.66
N THR A 170 2.25 16.86 -15.20
CA THR A 170 2.27 17.50 -13.91
C THR A 170 2.70 16.48 -12.87
N PHE A 171 2.11 15.29 -12.92
CA PHE A 171 2.46 14.26 -11.97
C PHE A 171 3.93 13.82 -12.08
N LEU A 172 4.41 13.57 -13.28
CA LEU A 172 5.74 13.00 -13.42
C LEU A 172 6.85 14.01 -13.12
N ASN A 173 6.57 15.29 -13.44
CA ASN A 173 7.52 16.36 -13.09
C ASN A 173 7.63 16.36 -11.59
N ALA A 174 6.49 16.25 -10.89
CA ALA A 174 6.53 16.27 -9.40
C ALA A 174 7.21 15.04 -8.79
N TRP A 175 6.90 13.87 -9.33
CA TRP A 175 7.45 12.62 -8.83
C TRP A 175 8.97 12.61 -9.00
N THR A 176 9.44 12.84 -10.23
CA THR A 176 10.88 12.86 -10.51
C THR A 176 11.59 13.88 -9.67
N ALA A 177 10.98 15.05 -9.51
CA ALA A 177 11.63 16.11 -8.78
C ALA A 177 11.75 15.78 -7.31
N THR A 178 10.73 15.15 -6.76
CA THR A 178 10.76 14.70 -5.37
C THR A 178 11.86 13.64 -5.20
N CYS A 179 11.95 12.74 -6.16
CA CYS A 179 12.95 11.68 -6.15
C CYS A 179 14.38 12.26 -6.17
N ARG A 180 14.56 13.39 -6.86
CA ARG A 180 15.85 14.15 -6.82
C ARG A 180 16.07 14.89 -5.50
N GLY A 181 15.05 14.91 -4.65
CA GLY A 181 15.16 15.56 -3.33
C GLY A 181 15.03 17.07 -3.35
N GLU A 182 14.45 17.63 -4.42
CA GLU A 182 14.24 19.08 -4.50
C GLU A 182 13.17 19.51 -3.48
N THR A 183 13.26 20.73 -2.95
CA THR A 183 12.15 21.23 -2.12
C THR A 183 11.04 21.97 -2.89
N GLU A 184 11.33 22.42 -4.11
CA GLU A 184 10.37 23.18 -4.90
C GLU A 184 9.71 22.31 -5.97
N ILE A 185 8.54 21.75 -5.64
CA ILE A 185 7.73 20.95 -6.54
C ILE A 185 6.64 21.87 -7.10
N VAL A 186 6.20 21.64 -8.33
CA VAL A 186 5.06 22.42 -8.87
C VAL A 186 3.77 21.68 -8.50
N LEU A 187 3.01 22.31 -7.61
CA LEU A 187 1.89 21.64 -6.94
C LEU A 187 0.69 21.51 -7.84
N PRO A 188 -0.02 20.36 -7.80
CA PRO A 188 -1.24 20.19 -8.60
C PRO A 188 -2.36 21.09 -8.07
N ASN A 189 -3.29 21.47 -8.92
CA ASN A 189 -4.50 22.12 -8.48
C ASN A 189 -5.66 21.24 -8.92
N PHE A 190 -6.41 20.74 -7.94
CA PHE A 190 -7.47 19.78 -8.15
C PHE A 190 -8.87 20.36 -8.18
N ASP A 191 -9.00 21.67 -8.07
CA ASP A 191 -10.30 22.27 -7.87
C ASP A 191 -10.84 22.93 -9.13
N LEU A 192 -9.93 23.50 -9.90
CA LEU A 192 -10.24 24.33 -11.06
C LEU A 192 -11.14 23.62 -12.09
N ALA A 193 -10.88 22.33 -12.33
CA ALA A 193 -11.57 21.62 -13.42
C ALA A 193 -13.10 21.62 -13.29
N ALA A 194 -13.63 21.18 -12.16
CA ALA A 194 -15.08 21.16 -11.96
C ALA A 194 -15.67 22.54 -11.72
N ARG A 195 -14.84 23.52 -11.41
CA ARG A 195 -15.38 24.88 -11.34
C ARG A 195 -15.74 25.43 -12.72
N HIS A 196 -14.87 25.21 -13.71
CA HIS A 196 -15.04 25.84 -15.01
C HIS A 196 -15.85 24.94 -15.91
N PHE A 197 -15.91 23.66 -15.57
CA PHE A 197 -16.71 22.70 -16.33
C PHE A 197 -17.53 21.82 -15.39
N PRO A 198 -18.58 22.39 -14.76
CA PRO A 198 -19.30 21.66 -13.70
C PRO A 198 -19.95 20.37 -14.22
N PRO A 199 -19.95 19.30 -13.41
CA PRO A 199 -20.52 18.03 -13.93
C PRO A 199 -22.05 18.05 -14.12
N VAL A 200 -22.54 17.14 -14.96
CA VAL A 200 -23.96 16.91 -15.18
C VAL A 200 -24.33 15.52 -14.62
N ASP A 201 -25.41 15.47 -13.85
CA ASP A 201 -25.96 14.23 -13.29
C ASP A 201 -26.32 13.16 -14.34
N ASN A 202 -26.13 11.89 -13.94
CA ASN A 202 -26.45 10.69 -14.74
C ASN A 202 -25.74 10.53 -16.08
N THR A 203 -24.69 11.30 -16.31
CA THR A 203 -23.94 11.23 -17.56
C THR A 203 -23.18 9.88 -17.66
N PRO A 204 -23.43 9.11 -18.72
CA PRO A 204 -22.71 7.83 -18.84
C PRO A 204 -21.32 8.07 -19.36
N SER A 205 -20.37 7.22 -18.94
CA SER A 205 -19.08 7.26 -19.59
C SER A 205 -19.14 6.37 -20.79
N PRO A 206 -18.53 6.82 -21.89
CA PRO A 206 -18.57 6.05 -23.11
C PRO A 206 -17.76 4.77 -22.95
N GLU A 207 -18.24 3.66 -23.52
CA GLU A 207 -17.50 2.38 -23.53
C GLU A 207 -16.60 2.31 -24.78
N LEU A 208 -15.45 1.65 -24.64
CA LEU A 208 -14.56 1.40 -25.77
C LEU A 208 -14.74 -0.02 -26.30
N VAL A 209 -15.20 -0.14 -27.54
CA VAL A 209 -15.20 -1.43 -28.22
C VAL A 209 -14.00 -1.50 -29.18
N PRO A 210 -13.02 -2.36 -28.87
CA PRO A 210 -11.80 -2.48 -29.67
C PRO A 210 -12.10 -2.92 -31.09
N ASP A 211 -11.39 -2.38 -32.07
CA ASP A 211 -11.50 -2.87 -33.44
C ASP A 211 -10.55 -4.06 -33.60
N GLU A 212 -10.82 -4.89 -34.60
CA GLU A 212 -10.22 -6.21 -34.65
C GLU A 212 -8.82 -6.27 -35.29
N ASN A 213 -8.68 -5.76 -36.51
CA ASN A 213 -7.46 -5.95 -37.29
C ASN A 213 -6.51 -4.76 -37.19
N VAL A 214 -6.40 -4.17 -36.00
CA VAL A 214 -5.56 -2.99 -35.86
C VAL A 214 -4.15 -3.24 -35.34
N VAL A 215 -3.17 -2.80 -36.10
CA VAL A 215 -1.83 -2.64 -35.55
C VAL A 215 -1.40 -1.21 -35.51
N MET A 216 -0.52 -0.92 -34.57
CA MET A 216 0.13 0.38 -34.47
C MET A 216 1.61 0.29 -34.90
N LYS A 217 2.06 1.29 -35.67
CA LYS A 217 3.48 1.50 -35.91
C LYS A 217 3.90 2.92 -35.54
N ARG A 218 5.14 3.06 -35.12
CA ARG A 218 5.76 4.35 -34.89
C ARG A 218 6.45 4.87 -36.15
N PHE A 219 5.90 5.92 -36.75
CA PHE A 219 6.53 6.53 -37.92
C PHE A 219 7.36 7.73 -37.45
N VAL A 220 8.64 7.73 -37.81
CA VAL A 220 9.54 8.75 -37.27
C VAL A 220 9.89 9.77 -38.33
N PHE A 221 9.67 11.05 -38.01
CA PHE A 221 10.11 12.14 -38.88
C PHE A 221 11.21 12.93 -38.20
N ASP A 222 12.42 12.84 -38.71
CA ASP A 222 13.57 13.53 -38.13
C ASP A 222 13.74 14.88 -38.77
N LYS A 223 14.64 15.68 -38.19
CA LYS A 223 14.97 17.04 -38.67
C LYS A 223 15.05 17.12 -40.18
N GLU A 224 15.86 16.26 -40.78
CA GLU A 224 16.01 16.22 -42.24
C GLU A 224 14.68 16.00 -43.01
N LYS A 225 13.80 15.11 -42.50
CA LYS A 225 12.49 14.82 -43.15
C LYS A 225 11.54 16.02 -43.06
N ILE A 226 11.43 16.59 -41.87
CA ILE A 226 10.66 17.81 -41.66
C ILE A 226 11.12 18.92 -42.58
N GLY A 227 12.43 19.16 -42.62
CA GLY A 227 13.03 20.03 -43.62
C GLY A 227 12.48 19.76 -45.02
N ALA A 228 12.35 18.50 -45.42
CA ALA A 228 11.88 18.17 -46.77
C ALA A 228 10.44 18.61 -46.95
N LEU A 229 9.63 18.28 -45.95
CA LEU A 229 8.24 18.69 -45.89
C LEU A 229 8.13 20.22 -45.88
N ARG A 230 8.78 20.86 -44.91
CA ARG A 230 8.82 22.32 -44.87
C ARG A 230 9.11 22.88 -46.26
N ALA A 231 10.13 22.33 -46.91
CA ALA A 231 10.61 22.88 -48.17
C ALA A 231 9.66 22.56 -49.31
N GLN A 232 9.02 21.39 -49.27
CA GLN A 232 8.03 21.08 -50.29
C GLN A 232 6.86 22.06 -50.20
N ALA A 233 6.56 22.50 -48.98
CA ALA A 233 5.46 23.44 -48.74
C ALA A 233 5.73 24.90 -49.11
N SER A 234 6.70 25.17 -49.98
CA SER A 234 7.04 26.56 -50.33
C SER A 234 7.18 26.81 -51.84
N LYS A 240 4.27 32.56 -45.34
CA LYS A 240 3.97 31.23 -44.80
C LYS A 240 4.98 30.87 -43.72
N ASN A 241 4.47 30.38 -42.59
CA ASN A 241 5.29 29.89 -41.49
C ASN A 241 4.76 28.55 -40.97
N PHE A 242 5.44 27.45 -41.33
CA PHE A 242 4.94 26.10 -41.05
C PHE A 242 5.62 25.44 -39.87
N SER A 243 4.86 25.16 -38.82
CA SER A 243 5.34 24.36 -37.67
C SER A 243 5.40 22.85 -37.96
N ARG A 244 6.26 22.18 -37.21
CA ARG A 244 6.54 20.75 -37.30
C ARG A 244 5.29 19.86 -37.38
N VAL A 245 4.39 20.04 -36.42
CA VAL A 245 3.11 19.32 -36.31
C VAL A 245 2.19 19.50 -37.53
N GLN A 246 1.96 20.75 -37.96
CA GLN A 246 1.11 21.02 -39.14
C GLN A 246 1.59 20.21 -40.33
N LEU A 247 2.90 20.28 -40.60
CA LEU A 247 3.52 19.59 -41.73
C LEU A 247 3.31 18.08 -41.67
N VAL A 248 3.50 17.52 -40.48
CA VAL A 248 3.39 16.08 -40.30
C VAL A 248 1.94 15.60 -40.37
N VAL A 249 1.03 16.35 -39.76
CA VAL A 249 -0.39 16.01 -39.80
C VAL A 249 -0.91 16.09 -41.24
N ALA A 250 -0.56 17.17 -41.95
CA ALA A 250 -0.96 17.32 -43.33
C ALA A 250 -0.50 16.14 -44.18
N TYR A 251 0.77 15.77 -44.01
CA TYR A 251 1.40 14.75 -44.81
C TYR A 251 0.72 13.41 -44.58
N ILE A 252 0.42 13.10 -43.32
CA ILE A 252 -0.24 11.82 -43.03
C ILE A 252 -1.69 11.87 -43.51
N TRP A 253 -2.36 12.99 -43.28
CA TRP A 253 -3.74 13.11 -43.72
C TRP A 253 -3.90 12.88 -45.22
N LYS A 254 -3.04 13.50 -46.04
CA LYS A 254 -3.05 13.29 -47.50
C LYS A 254 -2.99 11.80 -47.85
N HIS A 255 -2.11 11.08 -47.18
CA HIS A 255 -1.90 9.66 -47.50
C HIS A 255 -3.01 8.75 -46.95
N VAL A 256 -3.59 9.06 -45.78
CA VAL A 256 -4.75 8.26 -45.37
C VAL A 256 -6.02 8.53 -46.17
N ILE A 257 -6.17 9.75 -46.70
CA ILE A 257 -7.24 10.01 -47.68
C ILE A 257 -7.16 9.08 -48.90
N ASP A 258 -5.97 8.98 -49.50
CA ASP A 258 -5.71 8.11 -50.66
C ASP A 258 -6.07 6.63 -50.38
N VAL A 259 -5.70 6.12 -49.21
CA VAL A 259 -6.04 4.73 -48.84
C VAL A 259 -7.54 4.56 -48.63
N THR A 260 -8.15 5.54 -47.97
CA THR A 260 -9.58 5.52 -47.68
C THR A 260 -10.43 5.59 -48.95
N ARG A 261 -10.03 6.42 -49.90
CA ARG A 261 -10.76 6.54 -51.15
C ARG A 261 -10.50 5.35 -52.10
N ALA A 262 -9.40 4.63 -51.88
CA ALA A 262 -9.12 3.45 -52.72
C ALA A 262 -9.77 2.18 -52.16
N LYS A 263 -9.65 1.92 -50.86
CA LYS A 263 -10.33 0.76 -50.26
C LYS A 263 -11.86 0.92 -50.29
N TYR A 264 -12.36 1.91 -49.57
CA TYR A 264 -13.79 2.27 -49.58
C TYR A 264 -14.03 3.20 -50.76
N GLY A 265 -15.29 3.42 -51.11
CA GLY A 265 -15.58 4.47 -52.07
C GLY A 265 -15.35 5.79 -51.35
N ALA A 266 -15.20 6.89 -52.11
CA ALA A 266 -15.27 8.22 -51.49
C ALA A 266 -16.74 8.57 -51.26
N LYS A 267 -17.08 8.99 -50.04
CA LYS A 267 -18.50 9.19 -49.66
C LYS A 267 -18.90 10.65 -49.34
N ASN A 268 -19.18 10.96 -48.08
CA ASN A 268 -19.25 12.37 -47.67
C ASN A 268 -17.82 12.89 -47.52
N LYS A 269 -17.56 13.70 -46.51
CA LYS A 269 -16.23 14.31 -46.36
C LYS A 269 -15.14 13.39 -45.78
N PHE A 270 -13.94 13.95 -45.71
CA PHE A 270 -12.83 13.43 -44.89
C PHE A 270 -12.52 14.41 -43.76
N VAL A 271 -12.49 13.93 -42.52
CA VAL A 271 -12.23 14.79 -41.35
C VAL A 271 -10.94 14.37 -40.64
N VAL A 272 -10.23 15.37 -40.10
CA VAL A 272 -9.15 15.15 -39.17
C VAL A 272 -9.46 15.93 -37.90
N VAL A 273 -9.12 15.35 -36.77
CA VAL A 273 -9.48 15.94 -35.53
C VAL A 273 -8.28 15.91 -34.62
N GLN A 274 -7.93 17.05 -34.07
CA GLN A 274 -6.78 17.13 -33.18
C GLN A 274 -7.29 17.43 -31.79
N ALA A 275 -6.80 16.70 -30.79
CA ALA A 275 -7.10 17.01 -29.40
C ALA A 275 -5.95 17.77 -28.76
N VAL A 276 -6.20 19.01 -28.38
CA VAL A 276 -5.18 19.84 -27.82
C VAL A 276 -5.61 20.41 -26.44
N ASN A 277 -4.60 20.88 -25.72
CA ASN A 277 -4.79 21.42 -24.40
C ASN A 277 -5.79 22.55 -24.47
N LEU A 278 -6.83 22.50 -23.65
CA LEU A 278 -7.77 23.63 -23.60
C LEU A 278 -7.36 24.77 -22.61
N ARG A 279 -6.48 24.48 -21.65
CA ARG A 279 -6.06 25.46 -20.66
C ARG A 279 -5.60 26.80 -21.29
N SER A 280 -4.73 26.72 -22.29
CA SER A 280 -4.09 27.91 -22.83
C SER A 280 -5.00 28.65 -23.80
N ARG A 281 -6.11 28.01 -24.15
CA ARG A 281 -7.11 28.56 -25.06
C ARG A 281 -8.27 29.17 -24.32
N MET A 282 -8.32 29.02 -23.01
CA MET A 282 -9.36 29.72 -22.25
C MET A 282 -9.12 31.21 -22.16
N ASN A 283 -10.20 31.94 -21.92
CA ASN A 283 -10.16 33.39 -21.84
C ASN A 283 -10.61 33.90 -20.46
N PRO A 284 -9.69 34.06 -19.48
CA PRO A 284 -8.24 33.94 -19.50
C PRO A 284 -7.79 32.49 -19.28
N PRO A 285 -6.51 32.20 -19.54
CA PRO A 285 -6.06 30.79 -19.50
C PRO A 285 -6.12 30.20 -18.08
N LEU A 286 -6.24 28.87 -18.00
CA LEU A 286 -6.06 28.13 -16.75
C LEU A 286 -4.60 27.65 -16.68
N PRO A 287 -4.10 27.47 -15.45
CA PRO A 287 -2.69 27.10 -15.30
C PRO A 287 -2.41 25.69 -15.79
N HIS A 288 -1.17 25.41 -16.19
CA HIS A 288 -0.84 24.11 -16.77
C HIS A 288 -0.94 23.06 -15.69
N TYR A 289 -0.82 23.44 -14.43
CA TYR A 289 -0.92 22.49 -13.32
C TYR A 289 -2.34 22.21 -12.83
N ALA A 290 -3.37 22.69 -13.54
CA ALA A 290 -4.73 22.23 -13.22
C ALA A 290 -4.85 20.80 -13.65
N MET A 291 -5.21 19.92 -12.72
CA MET A 291 -5.40 18.49 -13.05
C MET A 291 -6.78 18.16 -13.58
N GLY A 292 -6.85 17.14 -14.43
CA GLY A 292 -8.11 16.69 -15.02
C GLY A 292 -8.07 16.73 -16.53
N ASN A 293 -9.11 16.22 -17.18
CA ASN A 293 -9.26 16.37 -18.62
C ASN A 293 -9.60 17.80 -18.95
N ILE A 294 -8.66 18.54 -19.49
CA ILE A 294 -8.94 19.92 -19.86
C ILE A 294 -8.46 20.18 -21.27
N ALA A 295 -9.18 19.56 -22.18
CA ALA A 295 -8.76 19.43 -23.57
C ALA A 295 -9.93 19.72 -24.48
N THR A 296 -9.63 20.00 -25.74
CA THR A 296 -10.65 20.32 -26.73
C THR A 296 -10.33 19.62 -28.04
N LEU A 297 -11.33 19.58 -28.91
CA LEU A 297 -11.29 18.91 -30.22
C LEU A 297 -11.37 19.95 -31.35
N LEU A 298 -10.34 19.99 -32.21
CA LEU A 298 -10.29 20.95 -33.32
C LEU A 298 -10.42 20.20 -34.63
N PHE A 299 -11.38 20.63 -35.45
CA PHE A 299 -11.74 19.89 -36.66
C PHE A 299 -11.25 20.54 -37.95
N ALA A 300 -10.81 19.70 -38.88
CA ALA A 300 -10.54 20.14 -40.24
C ALA A 300 -11.14 19.13 -41.20
N ALA A 301 -11.57 19.58 -42.36
CA ALA A 301 -12.28 18.73 -43.28
C ALA A 301 -12.08 19.11 -44.74
N VAL A 302 -12.09 18.10 -45.59
CA VAL A 302 -12.13 18.29 -47.02
C VAL A 302 -13.26 17.40 -47.50
N ASP A 303 -13.96 17.80 -48.56
CA ASP A 303 -15.04 16.97 -49.14
C ASP A 303 -14.47 15.78 -49.95
N ALA A 304 -15.35 14.83 -50.28
CA ALA A 304 -15.00 13.53 -50.90
C ALA A 304 -14.12 13.55 -52.16
N GLU A 305 -14.29 14.58 -52.98
CA GLU A 305 -13.64 14.68 -54.29
C GLU A 305 -12.23 15.31 -54.24
N TRP A 306 -11.68 15.49 -53.03
CA TRP A 306 -10.52 16.36 -52.80
C TRP A 306 -9.24 16.12 -53.65
N ASP A 307 -8.48 15.06 -53.38
CA ASP A 307 -7.28 14.72 -54.22
C ASP A 307 -6.40 15.89 -54.74
N LYS A 308 -5.66 16.54 -53.85
CA LYS A 308 -4.61 17.50 -54.24
C LYS A 308 -3.27 17.15 -53.55
N ASP A 309 -2.39 18.12 -53.35
CA ASP A 309 -1.08 17.87 -52.71
C ASP A 309 -1.13 18.10 -51.19
N PHE A 310 -0.22 17.49 -50.43
CA PHE A 310 -0.30 17.59 -48.98
C PHE A 310 -0.27 19.04 -48.40
N PRO A 311 0.47 19.99 -49.04
CA PRO A 311 0.43 21.39 -48.56
C PRO A 311 -0.94 22.05 -48.70
N ASP A 312 -1.81 21.46 -49.52
CA ASP A 312 -3.15 22.01 -49.65
C ASP A 312 -4.07 21.75 -48.43
N LEU A 313 -3.71 20.78 -47.59
CA LEU A 313 -4.51 20.47 -46.39
C LEU A 313 -4.14 21.35 -45.21
N ILE A 314 -3.04 22.11 -45.33
CA ILE A 314 -2.55 22.90 -44.22
C ILE A 314 -3.45 24.07 -43.87
N GLY A 315 -3.95 24.76 -44.88
CA GLY A 315 -4.98 25.79 -44.69
C GLY A 315 -6.09 25.32 -43.75
N PRO A 316 -6.86 24.30 -44.18
CA PRO A 316 -7.85 23.70 -43.30
C PRO A 316 -7.36 23.53 -41.85
N LEU A 317 -6.17 23.01 -41.66
CA LEU A 317 -5.65 22.75 -40.33
C LEU A 317 -5.34 24.04 -39.54
N ARG A 318 -4.72 25.02 -40.20
CA ARG A 318 -4.36 26.28 -39.56
C ARG A 318 -5.64 27.00 -39.12
N THR A 319 -6.59 27.13 -40.04
CA THR A 319 -7.93 27.67 -39.75
C THR A 319 -8.59 26.95 -38.56
N SER A 320 -8.29 25.67 -38.44
CA SER A 320 -8.83 24.80 -37.41
C SER A 320 -8.37 25.18 -36.01
N LEU A 321 -7.14 25.68 -35.93
CA LEU A 321 -6.51 26.07 -34.67
C LEU A 321 -7.00 27.41 -34.11
N GLU A 322 -7.73 28.17 -34.92
CA GLU A 322 -8.23 29.46 -34.46
C GLU A 322 -9.08 29.29 -33.22
N LYS A 323 -8.74 30.02 -32.17
CA LYS A 323 -9.59 30.16 -31.00
C LYS A 323 -10.86 30.88 -31.45
N THR A 324 -12.02 30.46 -30.96
CA THR A 324 -13.25 31.01 -31.49
C THR A 324 -14.02 31.86 -30.47
N GLU A 325 -15.02 32.56 -30.98
CA GLU A 325 -15.92 33.37 -30.18
C GLU A 325 -17.07 32.55 -29.55
N ASP A 326 -17.10 31.24 -29.86
CA ASP A 326 -18.14 30.31 -29.38
C ASP A 326 -17.75 29.60 -28.07
N ASP A 327 -18.70 29.47 -27.15
CA ASP A 327 -18.49 28.87 -25.82
C ASP A 327 -18.26 27.32 -25.83
N HIS A 328 -17.72 26.76 -24.75
CA HIS A 328 -17.27 25.33 -24.70
C HIS A 328 -18.36 24.33 -25.14
N ASN A 329 -19.51 24.45 -24.48
CA ASN A 329 -20.71 23.67 -24.78
C ASN A 329 -21.07 23.65 -26.27
N HIS A 330 -20.99 24.79 -26.95
CA HIS A 330 -21.21 24.86 -28.39
C HIS A 330 -20.12 24.14 -29.17
N GLU A 331 -18.85 24.44 -28.88
CA GLU A 331 -17.73 23.71 -29.48
C GLU A 331 -17.92 22.19 -29.33
N LEU A 332 -18.38 21.75 -28.16
CA LEU A 332 -18.59 20.31 -27.92
C LEU A 332 -19.72 19.71 -28.76
N LEU A 333 -20.80 20.47 -28.94
CA LEU A 333 -21.97 20.03 -29.70
C LEU A 333 -21.66 19.96 -31.19
N LYS A 334 -20.99 20.96 -31.72
CA LYS A 334 -20.42 20.90 -33.07
C LYS A 334 -19.63 19.60 -33.22
N GLY A 335 -18.67 19.40 -32.31
CA GLY A 335 -17.81 18.22 -32.29
C GLY A 335 -18.60 16.92 -32.39
N MET A 336 -19.47 16.69 -31.42
CA MET A 336 -20.33 15.51 -31.42
C MET A 336 -21.25 15.42 -32.64
N THR A 337 -21.80 16.56 -33.06
CA THR A 337 -22.66 16.65 -34.26
C THR A 337 -22.03 16.04 -35.54
N CYS A 338 -20.76 16.33 -35.74
CA CYS A 338 -20.03 15.86 -36.92
C CYS A 338 -19.60 14.40 -36.76
N LEU A 339 -19.06 14.08 -35.59
CA LEU A 339 -18.54 12.74 -35.27
C LEU A 339 -19.54 11.59 -35.41
N TYR A 340 -20.84 11.89 -35.28
CA TYR A 340 -21.85 10.82 -35.18
C TYR A 340 -22.46 10.41 -36.51
N GLU A 341 -22.58 11.36 -37.42
CA GLU A 341 -23.03 10.97 -38.76
C GLU A 341 -21.82 10.81 -39.67
N LEU A 342 -20.70 10.42 -39.09
CA LEU A 342 -19.55 10.03 -39.88
C LEU A 342 -19.47 8.51 -39.94
N GLU A 343 -19.09 8.00 -41.11
CA GLU A 343 -18.83 6.57 -41.27
C GLU A 343 -17.44 6.33 -40.69
N PRO A 344 -17.15 5.11 -40.19
CA PRO A 344 -15.97 4.99 -39.34
C PRO A 344 -14.65 5.29 -40.04
N GLN A 345 -14.59 5.11 -41.36
CA GLN A 345 -13.34 5.30 -42.10
C GLN A 345 -13.04 6.77 -42.43
N GLU A 346 -13.98 7.66 -42.15
CA GLU A 346 -13.90 9.05 -42.58
C GLU A 346 -13.20 9.96 -41.56
N LEU A 347 -12.93 9.40 -40.39
CA LEU A 347 -12.29 10.13 -39.31
C LEU A 347 -10.82 9.73 -39.12
N LEU A 348 -9.93 10.72 -39.10
CA LEU A 348 -8.54 10.57 -38.63
C LEU A 348 -8.32 11.48 -37.40
N SER A 349 -7.66 10.95 -36.38
CA SER A 349 -7.45 11.75 -35.17
C SER A 349 -6.03 11.69 -34.63
N PHE A 350 -5.67 12.76 -33.93
CA PHE A 350 -4.34 12.96 -33.38
C PHE A 350 -4.45 13.54 -32.01
N THR A 351 -3.85 12.86 -31.05
CA THR A 351 -3.59 13.49 -29.75
C THR A 351 -2.10 13.79 -29.73
N SER A 352 -1.66 14.75 -28.95
CA SER A 352 -0.26 15.11 -28.96
C SER A 352 0.26 15.06 -27.56
N TRP A 353 1.49 14.56 -27.47
CA TRP A 353 2.29 14.50 -26.26
C TRP A 353 3.47 15.41 -26.57
N CYS A 354 3.24 16.36 -27.47
CA CYS A 354 4.30 17.23 -27.91
C CYS A 354 4.59 18.30 -26.87
N ARG A 355 5.90 18.55 -26.66
CA ARG A 355 6.42 19.66 -25.83
C ARG A 355 5.98 19.60 -24.38
N LEU A 356 6.04 18.42 -23.77
CA LEU A 356 5.65 18.21 -22.38
C LEU A 356 6.84 17.88 -21.44
N GLY A 357 8.08 18.02 -21.96
CA GLY A 357 9.30 17.72 -21.21
C GLY A 357 9.55 16.27 -20.77
N PHE A 358 8.97 15.31 -21.50
CA PHE A 358 9.11 13.89 -21.17
C PHE A 358 10.57 13.40 -21.25
N TYR A 359 11.35 13.96 -22.16
CA TYR A 359 12.73 13.50 -22.32
C TYR A 359 13.68 14.16 -21.35
N ASP A 360 13.12 14.93 -20.42
CA ASP A 360 13.90 15.59 -19.36
C ASP A 360 13.65 14.91 -18.03
N LEU A 361 12.71 13.95 -18.00
CA LEU A 361 12.33 13.31 -16.74
C LEU A 361 13.47 12.54 -16.14
N ASP A 362 13.94 13.03 -15.00
CA ASP A 362 15.17 12.50 -14.42
C ASP A 362 14.88 12.21 -12.97
N PHE A 363 14.99 10.94 -12.63
CA PHE A 363 14.65 10.47 -11.31
C PHE A 363 15.83 10.59 -10.37
N GLY A 364 17.00 10.94 -10.91
CA GLY A 364 18.24 11.00 -10.16
C GLY A 364 19.40 10.23 -10.78
N TRP A 365 19.16 9.55 -11.89
CA TRP A 365 20.20 8.79 -12.56
C TRP A 365 20.18 8.91 -14.07
N GLY A 366 19.59 10.01 -14.56
CA GLY A 366 19.69 10.34 -15.97
C GLY A 366 18.36 10.45 -16.68
N LYS A 367 18.41 10.99 -17.88
CA LYS A 367 17.25 11.22 -18.70
C LYS A 367 16.88 9.96 -19.50
N PRO A 368 15.63 9.88 -20.03
CA PRO A 368 15.23 8.69 -20.78
C PRO A 368 15.99 8.49 -22.09
N LEU A 369 16.12 7.22 -22.48
CA LEU A 369 16.49 6.83 -23.82
C LEU A 369 15.26 6.83 -24.74
N SER A 370 14.11 6.44 -24.23
CA SER A 370 12.88 6.35 -25.04
C SER A 370 11.62 6.55 -24.22
N ALA A 371 10.60 7.12 -24.85
CA ALA A 371 9.25 7.21 -24.28
C ALA A 371 8.27 6.56 -25.27
N CYS A 372 7.45 5.64 -24.81
CA CYS A 372 6.55 4.92 -25.71
C CYS A 372 5.18 4.81 -25.11
N THR A 373 4.30 4.17 -25.87
CA THR A 373 2.97 3.84 -25.39
C THR A 373 2.59 2.54 -26.06
N THR A 374 1.35 2.15 -25.83
CA THR A 374 0.77 0.88 -26.16
C THR A 374 -0.27 1.14 -27.22
N THR A 375 -0.91 0.09 -27.74
CA THR A 375 -1.77 0.21 -28.90
C THR A 375 -3.16 0.57 -28.43
N PHE A 376 -3.56 1.82 -28.71
CA PHE A 376 -4.98 2.18 -28.60
C PHE A 376 -5.71 1.37 -29.70
N PRO A 377 -6.61 0.44 -29.32
CA PRO A 377 -7.22 -0.45 -30.30
C PRO A 377 -8.40 0.17 -31.13
N LYS A 378 -8.16 1.28 -31.83
CA LYS A 378 -9.15 1.81 -32.79
C LYS A 378 -8.44 2.29 -34.01
N ARG A 379 -9.05 2.11 -35.18
CA ARG A 379 -8.50 2.61 -36.44
C ARG A 379 -8.32 4.10 -36.39
N ASN A 380 -7.19 4.57 -36.94
CA ASN A 380 -6.93 5.98 -37.21
C ASN A 380 -6.97 6.88 -35.99
N ALA A 381 -6.64 6.35 -34.82
CA ALA A 381 -6.57 7.14 -33.60
C ALA A 381 -5.12 7.32 -33.21
N ALA A 382 -4.46 8.34 -33.76
CA ALA A 382 -3.02 8.47 -33.62
C ALA A 382 -2.57 9.43 -32.52
N LEU A 383 -1.26 9.51 -32.34
CA LEU A 383 -0.61 10.09 -31.18
C LEU A 383 0.65 10.71 -31.76
N LEU A 384 0.90 11.99 -31.48
CA LEU A 384 2.13 12.63 -31.89
C LEU A 384 3.00 12.78 -30.66
N MET A 385 4.27 12.43 -30.80
CA MET A 385 5.26 12.58 -29.72
C MET A 385 6.54 13.26 -30.20
N ASP A 386 7.22 13.89 -29.24
CA ASP A 386 8.55 14.42 -29.42
C ASP A 386 9.55 13.30 -29.68
N THR A 387 10.65 13.68 -30.28
CA THR A 387 11.80 12.83 -30.53
C THR A 387 12.86 13.17 -29.47
N ARG A 388 13.78 12.26 -29.19
CA ARG A 388 14.77 12.56 -28.14
C ARG A 388 15.60 13.82 -28.40
N SER A 389 15.77 14.22 -29.66
CA SER A 389 16.58 15.41 -30.00
C SER A 389 15.81 16.74 -29.90
N GLY A 390 14.49 16.66 -29.71
CA GLY A 390 13.63 17.84 -29.77
C GLY A 390 13.44 18.28 -31.22
N ASP A 391 14.20 17.66 -32.11
CA ASP A 391 14.00 17.78 -33.52
C ASP A 391 13.03 16.66 -33.92
N GLY A 392 12.29 16.85 -35.00
CA GLY A 392 11.41 15.76 -35.43
C GLY A 392 10.16 15.49 -34.63
N VAL A 393 9.37 14.54 -35.13
CA VAL A 393 8.09 14.14 -34.59
C VAL A 393 7.95 12.65 -34.83
N GLU A 394 7.45 11.92 -33.82
CA GLU A 394 7.03 10.52 -33.89
C GLU A 394 5.50 10.45 -34.02
N ALA A 395 5.00 9.77 -35.04
CA ALA A 395 3.55 9.52 -35.14
C ALA A 395 3.27 8.06 -34.83
N TRP A 396 2.52 7.81 -33.76
CA TRP A 396 2.11 6.46 -33.34
C TRP A 396 0.74 6.25 -33.90
N LEU A 397 0.71 5.55 -35.03
CA LEU A 397 -0.46 5.46 -35.86
C LEU A 397 -1.04 4.03 -35.87
N PRO A 398 -2.18 3.81 -35.22
CA PRO A 398 -2.94 2.57 -35.34
C PRO A 398 -3.84 2.55 -36.55
N MET A 399 -3.82 1.45 -37.30
CA MET A 399 -4.70 1.26 -38.46
C MET A 399 -5.10 -0.21 -38.65
N ALA A 400 -6.13 -0.43 -39.45
CA ALA A 400 -6.39 -1.77 -39.96
C ALA A 400 -5.15 -2.27 -40.70
N GLU A 401 -4.72 -3.49 -40.40
CA GLU A 401 -3.53 -4.07 -41.00
C GLU A 401 -3.51 -3.90 -42.53
N ASP A 402 -4.62 -4.24 -43.17
CA ASP A 402 -4.76 -4.11 -44.61
C ASP A 402 -4.67 -2.65 -45.10
N GLU A 403 -5.05 -1.71 -44.24
CA GLU A 403 -5.01 -0.30 -44.61
C GLU A 403 -3.59 0.25 -44.47
N MET A 404 -2.93 -0.10 -43.37
CA MET A 404 -1.57 0.30 -43.21
C MET A 404 -0.72 -0.18 -44.38
N ALA A 405 -1.01 -1.38 -44.86
CA ALA A 405 -0.25 -1.96 -45.97
C ALA A 405 -0.38 -1.13 -47.26
N MET A 406 -1.48 -0.41 -47.39
CA MET A 406 -1.77 0.36 -48.59
C MET A 406 -1.09 1.75 -48.62
N LEU A 407 -0.52 2.16 -47.50
CA LEU A 407 0.21 3.40 -47.44
C LEU A 407 1.34 3.33 -48.44
N PRO A 408 1.75 4.49 -49.00
CA PRO A 408 2.88 4.48 -49.94
C PRO A 408 4.24 4.32 -49.24
N VAL A 409 5.26 3.92 -50.00
CA VAL A 409 6.62 3.60 -49.50
C VAL A 409 7.31 4.77 -48.75
N GLU A 410 7.29 5.96 -49.36
CA GLU A 410 7.78 7.18 -48.71
C GLU A 410 7.28 7.33 -47.25
N LEU A 411 6.06 6.87 -46.96
CA LEU A 411 5.56 6.87 -45.58
C LEU A 411 6.00 5.62 -44.81
N LEU A 412 5.80 4.43 -45.39
CA LEU A 412 6.08 3.18 -44.68
C LEU A 412 7.56 3.00 -44.31
N SER A 413 8.47 3.61 -45.08
CA SER A 413 9.90 3.70 -44.75
C SER A 413 10.21 4.36 -43.42
N LEU A 414 9.27 5.17 -42.93
CA LEU A 414 9.45 5.90 -41.70
C LEU A 414 9.18 5.06 -40.47
N VAL A 415 8.61 3.87 -40.67
CA VAL A 415 8.35 2.97 -39.55
C VAL A 415 9.70 2.65 -38.91
N ASP A 416 9.78 2.87 -37.61
CA ASP A 416 11.02 2.61 -36.88
C ASP A 416 10.69 1.80 -35.62
N SER A 417 11.38 0.67 -35.46
CA SER A 417 11.16 -0.29 -34.37
C SER A 417 12.35 -0.41 -33.43
N ASP A 418 13.38 0.39 -33.68
CA ASP A 418 14.56 0.44 -32.81
C ASP A 418 14.36 1.53 -31.77
N PHE A 419 14.10 1.12 -30.52
CA PHE A 419 13.96 2.09 -29.43
C PHE A 419 15.24 2.25 -28.60
N SER A 420 16.30 1.58 -29.03
CA SER A 420 17.52 1.47 -28.25
C SER A 420 18.54 2.57 -28.59
N LYS A 421 18.35 3.23 -29.72
CA LYS A 421 19.33 4.21 -30.20
C LYS A 421 19.07 5.58 -29.59
N GLN B 4 14.24 10.73 18.16
CA GLN B 4 13.70 11.54 17.03
C GLN B 4 13.68 10.74 15.71
N MET B 5 12.48 10.38 15.25
CA MET B 5 12.34 9.64 13.97
C MET B 5 11.50 10.34 12.90
N GLU B 6 11.76 9.98 11.65
CA GLU B 6 10.96 10.45 10.52
C GLU B 6 10.41 9.27 9.72
N LYS B 7 9.15 9.36 9.30
CA LYS B 7 8.59 8.32 8.45
C LYS B 7 9.16 8.47 7.05
N VAL B 8 9.51 7.36 6.42
CA VAL B 8 9.98 7.42 5.05
C VAL B 8 8.85 7.06 4.08
N SER B 9 7.93 6.16 4.51
CA SER B 9 6.81 5.74 3.64
C SER B 9 5.78 4.87 4.33
N GLU B 10 4.65 4.71 3.65
CA GLU B 10 3.64 3.78 4.05
C GLU B 10 3.19 3.09 2.79
N GLU B 11 2.93 1.81 2.92
CA GLU B 11 2.50 0.96 1.84
C GLU B 11 1.52 -0.07 2.40
N LEU B 12 0.76 -0.72 1.51
CA LEU B 12 -0.01 -1.86 1.90
C LEU B 12 0.60 -3.09 1.22
N ILE B 13 0.90 -4.12 2.02
CA ILE B 13 1.42 -5.40 1.51
C ILE B 13 0.27 -6.35 1.21
N LEU B 14 0.23 -6.79 -0.03
CA LEU B 14 -0.78 -7.70 -0.48
C LEU B 14 -0.18 -9.09 -0.45
N PRO B 15 -1.05 -10.13 -0.43
CA PRO B 15 -0.54 -11.49 -0.59
C PRO B 15 0.01 -11.67 -2.02
N SER B 16 1.06 -12.46 -2.18
CA SER B 16 1.66 -12.66 -3.52
C SER B 16 0.68 -13.09 -4.62
N SER B 17 -0.26 -13.96 -4.29
CA SER B 17 -1.34 -14.39 -5.19
C SER B 17 -2.68 -13.92 -4.63
N PRO B 18 -3.57 -13.40 -5.47
CA PRO B 18 -4.81 -12.84 -4.90
C PRO B 18 -5.68 -13.91 -4.27
N THR B 19 -6.43 -13.54 -3.24
CA THR B 19 -7.24 -14.56 -2.56
C THR B 19 -8.41 -15.00 -3.44
N PRO B 20 -8.48 -16.31 -3.73
CA PRO B 20 -9.59 -16.79 -4.55
C PRO B 20 -10.90 -16.32 -3.93
N GLN B 21 -11.68 -15.58 -4.72
CA GLN B 21 -13.04 -15.14 -4.36
C GLN B 21 -13.85 -16.12 -3.46
N SER B 22 -13.47 -17.40 -3.43
CA SER B 22 -14.21 -18.41 -2.65
C SER B 22 -13.37 -19.27 -1.68
N LEU B 23 -12.17 -18.81 -1.34
CA LEU B 23 -11.30 -19.55 -0.42
C LEU B 23 -11.79 -19.56 1.04
N LYS B 24 -12.73 -18.67 1.35
CA LYS B 24 -13.41 -18.65 2.68
C LYS B 24 -12.58 -18.01 3.77
N CYS B 25 -13.06 -16.86 4.22
CA CYS B 25 -12.34 -16.05 5.17
C CYS B 25 -12.53 -16.59 6.58
N TYR B 26 -11.71 -16.11 7.51
CA TYR B 26 -11.82 -16.41 8.92
C TYR B 26 -13.23 -16.15 9.49
N LYS B 27 -13.88 -17.18 10.00
CA LYS B 27 -15.16 -16.98 10.69
C LYS B 27 -14.96 -16.64 12.19
N ILE B 28 -15.66 -15.60 12.62
CA ILE B 28 -15.53 -15.08 13.97
C ILE B 28 -16.21 -16.01 14.98
N SER B 29 -15.47 -16.41 16.02
CA SER B 29 -16.05 -17.28 17.04
C SER B 29 -16.71 -16.46 18.16
N HIS B 30 -17.45 -17.16 19.02
CA HIS B 30 -17.99 -16.56 20.23
C HIS B 30 -16.86 -15.95 21.10
N LEU B 31 -15.75 -16.66 21.31
CA LEU B 31 -14.64 -16.11 22.10
C LEU B 31 -14.17 -14.78 21.53
N ASP B 32 -13.96 -14.73 20.22
CA ASP B 32 -13.60 -13.49 19.55
C ASP B 32 -14.58 -12.35 19.83
N GLN B 33 -15.86 -12.68 19.81
CA GLN B 33 -16.90 -11.67 20.02
C GLN B 33 -16.74 -10.99 21.37
N LEU B 34 -16.31 -11.77 22.37
CA LEU B 34 -16.16 -11.25 23.71
C LEU B 34 -14.89 -10.39 23.89
N LEU B 35 -13.96 -10.42 22.94
CA LEU B 35 -12.75 -9.66 23.11
C LEU B 35 -12.83 -8.24 22.52
N LEU B 36 -11.83 -7.44 22.87
CA LEU B 36 -11.75 -6.05 22.44
C LEU B 36 -11.29 -5.97 20.99
N THR B 37 -11.61 -4.85 20.32
CA THR B 37 -11.01 -4.58 19.03
C THR B 37 -9.69 -3.83 19.13
N CYS B 38 -9.12 -3.73 20.33
CA CYS B 38 -7.78 -3.15 20.48
C CYS B 38 -6.74 -4.09 19.87
N HIS B 39 -5.53 -3.60 19.59
CA HIS B 39 -4.54 -4.51 19.03
C HIS B 39 -3.61 -5.02 20.10
N ILE B 40 -2.98 -6.16 19.81
CA ILE B 40 -1.86 -6.67 20.60
C ILE B 40 -0.63 -5.94 20.11
N PRO B 41 -0.04 -5.05 20.93
CA PRO B 41 1.13 -4.40 20.36
C PRO B 41 2.39 -5.16 20.75
N PHE B 42 3.26 -5.41 19.79
CA PHE B 42 4.46 -6.22 19.97
C PHE B 42 5.67 -5.58 19.26
N ILE B 43 6.81 -5.53 19.95
CA ILE B 43 7.98 -4.90 19.38
C ILE B 43 9.24 -5.71 19.60
N LEU B 44 9.98 -5.92 18.52
CA LEU B 44 11.30 -6.58 18.55
C LEU B 44 12.40 -5.56 18.24
N PHE B 45 13.47 -5.58 19.02
CA PHE B 45 14.64 -4.77 18.69
C PHE B 45 15.76 -5.73 18.33
N TYR B 46 16.32 -5.55 17.14
CA TYR B 46 17.47 -6.34 16.67
C TYR B 46 18.73 -5.45 16.65
N PRO B 47 19.89 -6.00 17.08
CA PRO B 47 21.09 -5.19 16.95
C PRO B 47 21.56 -5.16 15.50
N ASN B 48 22.66 -4.45 15.26
CA ASN B 48 23.29 -4.52 13.96
C ASN B 48 23.96 -5.90 13.82
N PRO B 49 23.57 -6.69 12.78
CA PRO B 49 24.12 -8.04 12.58
C PRO B 49 25.64 -8.00 12.60
N LEU B 50 26.26 -8.85 13.42
CA LEU B 50 27.73 -8.91 13.56
C LEU B 50 28.45 -9.32 12.27
N ASP B 51 27.68 -9.79 11.29
CA ASP B 51 28.21 -10.51 10.14
C ASP B 51 27.78 -9.88 8.83
N SER B 52 26.52 -10.10 8.45
CA SER B 52 25.94 -9.62 7.18
C SER B 52 26.05 -8.10 6.99
N ASN B 53 25.92 -7.63 5.75
CA ASN B 53 25.99 -6.17 5.54
C ASN B 53 24.92 -5.49 4.66
N LEU B 54 23.77 -6.14 4.54
CA LEU B 54 22.62 -5.56 3.85
C LEU B 54 22.30 -4.16 4.39
N ASP B 55 22.01 -3.24 3.47
CA ASP B 55 21.54 -1.91 3.87
C ASP B 55 20.01 -1.88 4.14
N PRO B 56 19.49 -0.79 4.73
CA PRO B 56 18.04 -0.60 4.86
C PRO B 56 17.19 -1.11 3.70
N ALA B 57 17.58 -0.77 2.46
CA ALA B 57 16.80 -1.14 1.27
C ALA B 57 16.64 -2.65 1.07
N GLN B 58 17.75 -3.38 1.10
CA GLN B 58 17.70 -4.82 0.93
C GLN B 58 16.94 -5.47 2.09
N THR B 59 17.22 -5.05 3.32
CA THR B 59 16.42 -5.46 4.47
C THR B 59 14.90 -5.24 4.25
N SER B 60 14.48 -4.01 4.00
CA SER B 60 13.05 -3.75 3.77
C SER B 60 12.49 -4.68 2.70
N GLN B 61 13.21 -4.82 1.60
CA GLN B 61 12.79 -5.67 0.49
C GLN B 61 12.59 -7.13 0.92
N HIS B 62 13.52 -7.69 1.67
CA HIS B 62 13.36 -9.08 2.13
C HIS B 62 12.15 -9.20 3.09
N LEU B 63 11.98 -8.22 3.98
CA LEU B 63 10.79 -8.17 4.87
C LEU B 63 9.49 -8.17 4.09
N LYS B 64 9.39 -7.24 3.15
CA LYS B 64 8.18 -7.00 2.39
C LYS B 64 7.83 -8.12 1.41
N GLN B 65 8.84 -8.61 0.70
CA GLN B 65 8.64 -9.76 -0.19
C GLN B 65 8.18 -10.97 0.58
N SER B 66 8.74 -11.15 1.78
CA SER B 66 8.41 -12.33 2.57
C SER B 66 7.07 -12.19 3.25
N LEU B 67 6.71 -10.97 3.62
CA LEU B 67 5.42 -10.72 4.23
C LEU B 67 4.37 -11.09 3.20
N SER B 68 4.61 -10.70 1.96
CA SER B 68 3.64 -10.85 0.89
C SER B 68 3.46 -12.32 0.56
N LYS B 69 4.55 -13.06 0.62
CA LYS B 69 4.51 -14.48 0.34
C LYS B 69 3.67 -15.21 1.42
N VAL B 70 3.87 -14.82 2.69
CA VAL B 70 3.26 -15.54 3.81
C VAL B 70 1.79 -15.20 3.96
N LEU B 71 1.42 -13.99 3.55
CA LEU B 71 0.02 -13.55 3.55
C LEU B 71 -0.85 -14.42 2.63
N THR B 72 -0.23 -15.17 1.73
CA THR B 72 -1.00 -16.09 0.90
C THR B 72 -1.60 -17.21 1.74
N HIS B 73 -0.89 -17.60 2.80
CA HIS B 73 -1.37 -18.56 3.75
C HIS B 73 -2.20 -17.92 4.90
N PHE B 74 -1.88 -16.66 5.23
CA PHE B 74 -2.54 -15.90 6.28
C PHE B 74 -3.45 -14.82 5.66
N TYR B 75 -4.14 -15.19 4.58
CA TYR B 75 -4.87 -14.25 3.74
C TYR B 75 -5.88 -13.40 4.51
N PRO B 76 -6.55 -13.97 5.53
CA PRO B 76 -7.44 -13.10 6.30
C PRO B 76 -6.71 -11.91 6.93
N LEU B 77 -5.42 -12.01 7.19
CA LEU B 77 -4.76 -10.91 7.84
C LEU B 77 -4.58 -9.71 6.93
N ALA B 78 -4.89 -9.90 5.64
CA ALA B 78 -4.90 -8.80 4.69
C ALA B 78 -6.31 -8.32 4.37
N GLY B 79 -7.31 -8.92 5.01
CA GLY B 79 -8.70 -8.46 4.88
C GLY B 79 -9.05 -7.27 5.76
N ARG B 80 -10.34 -7.06 6.00
CA ARG B 80 -10.81 -6.05 6.94
C ARG B 80 -11.90 -6.66 7.82
N ILE B 81 -11.88 -6.32 9.11
CA ILE B 81 -12.83 -6.91 10.05
C ILE B 81 -14.13 -6.15 9.97
N ASN B 82 -15.23 -6.90 10.00
CA ASN B 82 -16.55 -6.29 10.08
C ASN B 82 -17.12 -6.61 11.45
N VAL B 83 -16.96 -5.63 12.33
CA VAL B 83 -17.02 -5.88 13.77
C VAL B 83 -18.24 -6.62 14.33
N ASN B 84 -17.87 -7.49 15.24
CA ASN B 84 -18.57 -8.65 15.73
C ASN B 84 -19.07 -9.80 14.90
N SER B 85 -19.04 -9.69 13.57
CA SER B 85 -19.57 -10.78 12.76
C SER B 85 -18.55 -11.56 11.90
N SER B 86 -17.70 -10.89 11.16
CA SER B 86 -16.81 -11.60 10.23
C SER B 86 -15.68 -10.72 9.76
N VAL B 87 -14.88 -11.29 8.86
CA VAL B 87 -13.78 -10.59 8.19
C VAL B 87 -14.02 -10.68 6.68
N ASP B 88 -13.98 -9.55 5.95
CA ASP B 88 -13.99 -9.60 4.49
C ASP B 88 -12.56 -9.87 4.08
N CYS B 89 -12.33 -10.97 3.36
CA CYS B 89 -11.03 -11.26 2.78
C CYS B 89 -10.91 -10.54 1.44
N ASN B 90 -10.85 -9.22 1.47
CA ASN B 90 -10.88 -8.40 0.27
C ASN B 90 -9.49 -7.99 -0.22
N ASP B 91 -8.45 -8.59 0.35
CA ASP B 91 -7.04 -8.20 0.10
C ASP B 91 -6.86 -6.67 0.08
N SER B 92 -7.33 -5.94 1.09
CA SER B 92 -6.99 -4.53 1.19
C SER B 92 -5.53 -4.35 1.53
N GLY B 93 -4.98 -5.32 2.28
CA GLY B 93 -3.53 -5.39 2.53
C GLY B 93 -3.03 -4.92 3.88
N VAL B 94 -1.78 -5.24 4.23
CA VAL B 94 -1.33 -4.81 5.56
C VAL B 94 -0.48 -3.57 5.53
N PRO B 95 -0.91 -2.51 6.25
CA PRO B 95 -0.13 -1.30 6.43
C PRO B 95 1.29 -1.64 6.84
N PHE B 96 2.26 -1.03 6.15
CA PHE B 96 3.68 -1.29 6.39
C PHE B 96 4.41 0.04 6.39
N VAL B 97 4.78 0.47 7.58
CA VAL B 97 5.36 1.78 7.76
C VAL B 97 6.87 1.62 7.84
N GLU B 98 7.59 2.54 7.19
CA GLU B 98 9.05 2.60 7.28
C GLU B 98 9.49 3.90 7.94
N ALA B 99 10.43 3.81 8.87
CA ALA B 99 10.93 5.02 9.48
C ALA B 99 12.44 4.95 9.72
N ARG B 100 13.05 6.12 9.81
CA ARG B 100 14.46 6.28 10.11
C ARG B 100 14.55 7.02 11.46
N VAL B 101 15.42 6.57 12.37
CA VAL B 101 15.62 7.31 13.60
C VAL B 101 17.05 7.79 13.72
N GLN B 102 17.18 9.06 14.10
CA GLN B 102 18.45 9.78 14.13
C GLN B 102 19.19 9.51 15.46
N ALA B 103 19.57 8.25 15.66
CA ALA B 103 20.20 7.75 16.88
C ALA B 103 20.58 6.28 16.71
N GLN B 104 21.53 5.83 17.53
CA GLN B 104 21.88 4.41 17.60
C GLN B 104 20.96 3.63 18.56
N LEU B 105 20.73 2.36 18.22
CA LEU B 105 19.81 1.48 18.93
C LEU B 105 20.07 1.40 20.44
N SER B 106 21.32 1.17 20.81
CA SER B 106 21.69 1.08 22.20
C SER B 106 21.37 2.37 22.96
N GLN B 107 21.66 3.51 22.35
CA GLN B 107 21.41 4.83 22.96
C GLN B 107 19.92 5.09 23.13
N ALA B 108 19.13 4.64 22.18
CA ALA B 108 17.69 4.91 22.18
C ALA B 108 16.95 4.09 23.23
N ILE B 109 17.46 2.90 23.53
CA ILE B 109 16.66 1.94 24.31
C ILE B 109 17.30 1.46 25.61
N GLN B 110 18.39 2.12 26.03
CA GLN B 110 19.07 1.70 27.26
C GLN B 110 18.54 2.38 28.52
N ASN B 111 17.69 3.40 28.36
CA ASN B 111 16.98 3.97 29.50
C ASN B 111 15.61 4.55 29.13
N VAL B 112 14.64 3.67 28.93
CA VAL B 112 13.32 4.10 28.55
C VAL B 112 12.53 4.37 29.81
N VAL B 113 12.52 5.64 30.22
CA VAL B 113 11.95 6.06 31.51
C VAL B 113 10.42 5.93 31.52
N GLU B 114 9.79 6.36 30.44
CA GLU B 114 8.36 6.15 30.23
C GLU B 114 8.25 5.14 29.10
N LEU B 115 7.61 4.00 29.39
CA LEU B 115 7.51 2.92 28.39
C LEU B 115 6.55 3.30 27.29
N GLU B 116 5.76 4.35 27.54
CA GLU B 116 4.79 4.86 26.58
C GLU B 116 5.49 5.32 25.32
N LYS B 117 6.69 5.85 25.47
CA LYS B 117 7.49 6.33 24.33
C LYS B 117 7.94 5.22 23.39
N LEU B 118 7.54 3.98 23.64
CA LEU B 118 7.77 2.87 22.72
C LEU B 118 6.71 2.83 21.62
N ASP B 119 5.61 3.57 21.84
CA ASP B 119 4.54 3.82 20.86
C ASP B 119 5.05 4.14 19.46
N GLN B 120 6.10 4.95 19.40
CA GLN B 120 6.68 5.40 18.14
C GLN B 120 7.17 4.26 17.22
N TYR B 121 7.46 3.09 17.80
CA TYR B 121 7.84 1.91 17.03
C TYR B 121 6.66 1.12 16.47
N LEU B 122 5.46 1.47 16.92
CA LEU B 122 4.23 0.87 16.44
C LEU B 122 3.78 1.55 15.12
N PRO B 123 3.22 0.79 14.17
CA PRO B 123 2.71 1.37 12.91
C PRO B 123 1.42 2.14 13.11
N SER B 124 0.76 1.93 14.24
CA SER B 124 -0.58 2.50 14.45
C SER B 124 -0.90 2.53 15.92
N ALA B 125 -2.08 3.03 16.26
CA ALA B 125 -2.52 2.97 17.64
C ALA B 125 -2.97 1.54 17.94
N ALA B 126 -2.50 1.01 19.07
CA ALA B 126 -3.04 -0.23 19.58
C ALA B 126 -4.23 0.03 20.51
N TYR B 127 -4.18 1.14 21.24
CA TYR B 127 -5.18 1.47 22.26
C TYR B 127 -5.71 2.91 22.14
N PRO B 128 -6.90 3.18 22.72
CA PRO B 128 -7.42 4.55 22.72
C PRO B 128 -6.57 5.49 23.57
N GLY B 129 -6.71 6.79 23.35
CA GLY B 129 -6.10 7.79 24.22
C GLY B 129 -4.85 8.45 23.68
N GLY B 130 -4.43 8.06 22.48
CA GLY B 130 -3.35 8.75 21.78
C GLY B 130 -3.93 9.77 20.80
N LYS B 131 -3.08 10.29 19.93
CA LYS B 131 -3.47 11.32 18.96
C LYS B 131 -4.25 10.74 17.77
N ILE B 132 -3.89 9.52 17.39
CA ILE B 132 -4.57 8.79 16.30
C ILE B 132 -5.47 7.68 16.87
N GLU B 133 -6.70 7.59 16.37
CA GLU B 133 -7.66 6.56 16.78
C GLU B 133 -7.19 5.20 16.32
N VAL B 134 -7.60 4.19 17.07
CA VAL B 134 -7.36 2.81 16.69
C VAL B 134 -8.14 2.55 15.43
N ASN B 135 -7.49 1.96 14.44
CA ASN B 135 -8.20 1.35 13.30
C ASN B 135 -8.66 -0.05 13.67
N GLU B 136 -9.91 -0.15 14.10
CA GLU B 136 -10.41 -1.40 14.63
C GLU B 136 -10.68 -2.45 13.55
N ASP B 137 -10.71 -2.04 12.29
CA ASP B 137 -11.01 -3.00 11.21
C ASP B 137 -9.77 -3.70 10.63
N VAL B 138 -8.59 -3.20 10.97
CA VAL B 138 -7.33 -3.67 10.40
C VAL B 138 -6.74 -4.83 11.22
N PRO B 139 -6.75 -6.06 10.67
CA PRO B 139 -6.26 -7.15 11.46
C PRO B 139 -4.78 -7.11 11.75
N LEU B 140 -4.00 -6.50 10.87
CA LEU B 140 -2.53 -6.58 10.98
C LEU B 140 -1.87 -5.36 10.38
N ALA B 141 -0.92 -4.79 11.10
CA ALA B 141 -0.14 -3.67 10.63
C ALA B 141 1.31 -3.83 11.10
N VAL B 142 2.28 -3.38 10.32
CA VAL B 142 3.68 -3.45 10.79
C VAL B 142 4.50 -2.20 10.53
N LYS B 143 5.56 -2.03 11.31
CA LYS B 143 6.48 -0.91 11.14
C LYS B 143 7.89 -1.39 11.34
N ILE B 144 8.77 -0.93 10.46
CA ILE B 144 10.19 -1.18 10.60
C ILE B 144 10.91 0.15 10.68
N SER B 145 11.70 0.32 11.73
CA SER B 145 12.48 1.51 11.96
C SER B 145 13.97 1.16 11.91
N PHE B 146 14.76 1.99 11.22
CA PHE B 146 16.20 1.78 11.08
C PHE B 146 17.02 2.76 11.88
N PHE B 147 18.02 2.23 12.59
CA PHE B 147 18.86 3.06 13.41
C PHE B 147 20.17 3.38 12.70
N GLU B 148 20.90 4.33 13.26
CA GLU B 148 22.17 4.72 12.66
C GLU B 148 23.20 3.60 12.68
N CYS B 149 23.17 2.78 13.73
CA CYS B 149 24.12 1.67 13.90
C CYS B 149 23.95 0.52 12.91
N GLY B 150 22.76 0.37 12.36
CA GLY B 150 22.42 -0.79 11.55
C GLY B 150 21.30 -1.58 12.20
N GLY B 151 21.12 -1.34 13.50
CA GLY B 151 20.05 -1.93 14.31
C GLY B 151 18.65 -1.54 13.85
N THR B 152 17.67 -2.37 14.22
CA THR B 152 16.31 -2.19 13.75
C THR B 152 15.23 -2.46 14.81
N ALA B 153 14.03 -1.93 14.57
CA ALA B 153 12.86 -2.23 15.41
C ALA B 153 11.68 -2.66 14.55
N ILE B 154 11.12 -3.83 14.83
CA ILE B 154 9.96 -4.31 14.11
C ILE B 154 8.72 -4.25 15.02
N GLY B 155 7.75 -3.40 14.67
CA GLY B 155 6.54 -3.20 15.49
C GLY B 155 5.33 -3.80 14.81
N VAL B 156 4.58 -4.65 15.53
CA VAL B 156 3.42 -5.34 14.99
C VAL B 156 2.20 -4.98 15.81
N ASN B 157 1.08 -4.72 15.14
CA ASN B 157 -0.22 -4.57 15.79
C ASN B 157 -1.15 -5.57 15.13
N LEU B 158 -1.52 -6.60 15.90
CA LEU B 158 -2.35 -7.70 15.42
C LEU B 158 -3.63 -7.62 16.19
N SER B 159 -4.77 -7.64 15.51
CA SER B 159 -6.07 -7.38 16.16
C SER B 159 -6.41 -8.45 17.19
N HIS B 160 -6.75 -8.00 18.40
CA HIS B 160 -7.23 -8.92 19.43
C HIS B 160 -8.63 -9.47 19.09
N LYS B 161 -9.32 -8.84 18.14
CA LYS B 161 -10.62 -9.34 17.72
C LYS B 161 -10.46 -10.63 16.92
N ILE B 162 -9.23 -10.97 16.57
CA ILE B 162 -9.01 -12.02 15.60
C ILE B 162 -7.84 -12.92 15.95
N ALA B 163 -7.20 -12.63 17.08
CA ALA B 163 -6.01 -13.35 17.49
C ALA B 163 -5.72 -13.18 18.98
N ASP B 164 -5.19 -14.26 19.58
CA ASP B 164 -4.57 -14.21 20.90
C ASP B 164 -3.04 -14.25 20.67
N VAL B 165 -2.22 -14.18 21.73
CA VAL B 165 -0.75 -14.17 21.55
C VAL B 165 -0.22 -15.41 20.85
N LEU B 166 -0.87 -16.55 21.07
CA LEU B 166 -0.44 -17.78 20.44
C LEU B 166 -0.61 -17.61 18.94
N SER B 167 -1.74 -17.07 18.51
CA SER B 167 -1.94 -16.74 17.10
C SER B 167 -0.86 -15.76 16.52
N LEU B 168 -0.42 -14.78 17.32
CA LEU B 168 0.67 -13.87 16.93
C LEU B 168 1.94 -14.63 16.67
N ALA B 169 2.22 -15.57 17.56
CA ALA B 169 3.39 -16.46 17.48
C ALA B 169 3.34 -17.39 16.27
N THR B 170 2.18 -18.00 16.00
CA THR B 170 1.99 -18.80 14.81
C THR B 170 2.32 -17.94 13.60
N PHE B 171 1.88 -16.68 13.61
CA PHE B 171 2.17 -15.78 12.51
C PHE B 171 3.64 -15.43 12.37
N LEU B 172 4.26 -14.97 13.45
CA LEU B 172 5.65 -14.56 13.42
C LEU B 172 6.62 -15.71 13.08
N ASN B 173 6.33 -16.92 13.56
CA ASN B 173 7.13 -18.10 13.19
C ASN B 173 7.17 -18.19 11.71
N ALA B 174 5.99 -18.13 11.10
CA ALA B 174 5.83 -18.36 9.68
C ALA B 174 6.47 -17.24 8.86
N TRP B 175 6.27 -15.98 9.27
CA TRP B 175 6.85 -14.85 8.56
C TRP B 175 8.39 -14.93 8.62
N THR B 176 8.95 -15.10 9.82
CA THR B 176 10.41 -15.19 9.95
C THR B 176 10.99 -16.37 9.17
N ALA B 177 10.29 -17.50 9.22
CA ALA B 177 10.72 -18.70 8.52
C ALA B 177 10.73 -18.50 7.01
N THR B 178 9.68 -17.88 6.47
CA THR B 178 9.59 -17.60 5.04
C THR B 178 10.70 -16.64 4.65
N CYS B 179 10.99 -15.70 5.52
CA CYS B 179 12.03 -14.72 5.26
C CYS B 179 13.38 -15.38 5.17
N ARG B 180 13.59 -16.43 5.98
CA ARG B 180 14.80 -17.27 5.90
C ARG B 180 14.83 -18.19 4.68
N GLY B 181 13.72 -18.23 3.94
CA GLY B 181 13.60 -19.03 2.73
C GLY B 181 13.42 -20.52 2.94
N GLU B 182 12.94 -20.92 4.11
CA GLU B 182 12.69 -22.34 4.40
C GLU B 182 11.53 -22.88 3.54
N THR B 183 11.56 -24.20 3.27
CA THR B 183 10.58 -24.85 2.39
C THR B 183 9.21 -24.99 3.04
N GLU B 184 8.98 -26.03 3.84
CA GLU B 184 7.66 -26.17 4.43
C GLU B 184 7.43 -25.18 5.56
N ILE B 185 6.24 -24.62 5.59
CA ILE B 185 5.82 -23.67 6.63
C ILE B 185 4.70 -24.26 7.51
N VAL B 186 4.60 -23.74 8.73
CA VAL B 186 3.64 -24.22 9.71
C VAL B 186 2.25 -23.58 9.47
N LEU B 187 1.40 -24.24 8.69
CA LEU B 187 0.16 -23.65 8.15
C LEU B 187 -0.93 -23.33 9.19
N PRO B 188 -1.64 -22.21 8.99
CA PRO B 188 -2.71 -21.81 9.91
C PRO B 188 -4.02 -22.53 9.66
N ASN B 189 -4.84 -22.64 10.70
CA ASN B 189 -6.21 -23.11 10.50
C ASN B 189 -7.26 -22.07 10.96
N PHE B 190 -8.05 -21.58 10.02
CA PHE B 190 -9.07 -20.57 10.31
C PHE B 190 -10.52 -21.10 10.51
N ASP B 191 -10.70 -22.41 10.55
CA ASP B 191 -12.04 -23.04 10.59
C ASP B 191 -12.47 -23.55 11.96
N LEU B 192 -11.49 -23.94 12.78
CA LEU B 192 -11.75 -24.39 14.14
C LEU B 192 -12.61 -23.46 15.01
N ALA B 193 -12.15 -22.23 15.23
CA ALA B 193 -12.73 -21.33 16.24
C ALA B 193 -14.24 -21.14 16.17
N ALA B 194 -14.75 -20.89 14.98
CA ALA B 194 -16.20 -20.74 14.76
C ALA B 194 -16.99 -22.04 14.93
N ARG B 195 -16.39 -23.18 14.55
CA ARG B 195 -17.07 -24.46 14.69
C ARG B 195 -17.14 -24.89 16.16
N HIS B 196 -16.05 -24.68 16.90
CA HIS B 196 -16.01 -25.05 18.33
C HIS B 196 -16.61 -23.99 19.22
N PHE B 197 -16.72 -22.78 18.68
CA PHE B 197 -17.33 -21.70 19.43
C PHE B 197 -18.22 -20.81 18.52
N PRO B 198 -19.47 -21.21 18.28
CA PRO B 198 -20.31 -20.45 17.34
C PRO B 198 -20.62 -19.04 17.84
N PRO B 199 -20.66 -18.05 16.93
CA PRO B 199 -21.01 -16.67 17.25
C PRO B 199 -22.48 -16.53 17.67
N VAL B 200 -22.72 -15.82 18.76
CA VAL B 200 -24.08 -15.49 19.15
C VAL B 200 -24.49 -14.23 18.38
N ASP B 201 -25.75 -14.18 18.00
CA ASP B 201 -26.24 -13.08 17.15
C ASP B 201 -26.18 -11.74 17.85
N ASN B 202 -25.78 -10.71 17.10
CA ASN B 202 -25.84 -9.35 17.61
C ASN B 202 -24.94 -9.13 18.85
N THR B 203 -24.03 -10.06 19.16
CA THR B 203 -23.20 -9.89 20.35
C THR B 203 -22.37 -8.62 20.19
N PRO B 204 -22.49 -7.68 21.15
CA PRO B 204 -21.62 -6.52 21.06
C PRO B 204 -20.19 -6.80 21.53
N SER B 205 -19.27 -6.07 20.93
CA SER B 205 -17.85 -6.11 21.27
C SER B 205 -17.66 -5.14 22.44
N PRO B 206 -17.00 -5.59 23.52
CA PRO B 206 -16.79 -4.71 24.66
C PRO B 206 -15.90 -3.53 24.29
N GLU B 207 -16.28 -2.34 24.77
CA GLU B 207 -15.50 -1.11 24.59
C GLU B 207 -14.39 -1.06 25.65
N LEU B 208 -13.25 -0.45 25.31
CA LEU B 208 -12.24 -0.15 26.33
C LEU B 208 -12.24 1.33 26.69
N VAL B 209 -12.54 1.63 27.95
CA VAL B 209 -12.42 2.98 28.51
C VAL B 209 -11.10 3.02 29.27
N PRO B 210 -10.10 3.79 28.77
CA PRO B 210 -8.80 3.84 29.44
C PRO B 210 -8.88 4.55 30.79
N ASP B 211 -8.12 4.06 31.78
CA ASP B 211 -8.03 4.72 33.10
C ASP B 211 -7.01 5.84 33.02
N GLU B 212 -7.12 6.85 33.89
CA GLU B 212 -6.33 8.06 33.66
C GLU B 212 -4.91 8.13 34.23
N ASN B 213 -4.73 7.82 35.52
CA ASN B 213 -3.40 7.94 36.14
C ASN B 213 -2.58 6.65 36.02
N VAL B 214 -2.64 5.96 34.88
CA VAL B 214 -1.99 4.66 34.78
C VAL B 214 -0.61 4.71 34.12
N VAL B 215 0.38 4.25 34.86
CA VAL B 215 1.71 4.04 34.31
C VAL B 215 2.02 2.55 34.35
N MET B 216 2.81 2.09 33.39
CA MET B 216 3.30 0.73 33.44
C MET B 216 4.81 0.72 33.57
N LYS B 217 5.33 -0.19 34.38
CA LYS B 217 6.78 -0.42 34.39
C LYS B 217 6.97 -1.90 34.16
N ARG B 218 8.15 -2.27 33.70
CA ARG B 218 8.54 -3.65 33.55
C ARG B 218 9.38 -4.07 34.73
N PHE B 219 8.87 -5.01 35.52
CA PHE B 219 9.59 -5.54 36.67
C PHE B 219 10.28 -6.80 36.24
N VAL B 220 11.58 -6.88 36.50
CA VAL B 220 12.41 -7.97 36.00
C VAL B 220 12.85 -8.89 37.14
N PHE B 221 12.58 -10.18 36.97
CA PHE B 221 13.02 -11.18 37.93
C PHE B 221 14.07 -12.02 37.23
N ASP B 222 15.34 -11.74 37.51
CA ASP B 222 16.43 -12.46 36.84
C ASP B 222 16.64 -13.87 37.40
N LYS B 223 17.59 -14.61 36.84
CA LYS B 223 18.06 -15.89 37.39
C LYS B 223 18.04 -15.86 38.94
N GLU B 224 18.86 -14.97 39.52
CA GLU B 224 19.08 -14.83 40.97
C GLU B 224 17.85 -14.50 41.83
N LYS B 225 16.91 -13.72 41.30
CA LYS B 225 15.67 -13.41 42.03
C LYS B 225 14.75 -14.63 42.04
N ILE B 226 14.76 -15.39 40.96
CA ILE B 226 13.92 -16.59 40.80
C ILE B 226 14.47 -17.78 41.61
N GLY B 227 15.79 -17.89 41.69
CA GLY B 227 16.43 -18.90 42.53
C GLY B 227 16.26 -18.63 44.02
N ALA B 228 16.02 -17.37 44.37
CA ALA B 228 15.85 -16.92 45.74
C ALA B 228 14.44 -17.15 46.26
N LEU B 229 13.45 -16.80 45.44
CA LEU B 229 12.03 -16.98 45.79
C LEU B 229 11.64 -18.47 45.84
N ARG B 230 12.36 -19.30 45.09
CA ARG B 230 12.17 -20.77 45.09
C ARG B 230 12.74 -21.38 46.36
N ALA B 231 14.07 -21.33 46.46
CA ALA B 231 14.80 -21.91 47.58
C ALA B 231 14.40 -21.32 48.94
N GLN B 232 13.52 -20.31 48.91
CA GLN B 232 12.92 -19.78 50.12
C GLN B 232 11.99 -20.83 50.71
N ALA B 233 11.00 -21.24 49.92
CA ALA B 233 10.05 -22.28 50.30
C ALA B 233 10.64 -23.69 50.13
N SER B 234 11.02 -24.30 51.24
CA SER B 234 11.52 -25.67 51.25
C SER B 234 10.38 -26.67 51.10
N ASN B 241 6.65 -28.68 44.20
CA ASN B 241 7.39 -28.18 43.04
C ASN B 241 6.83 -26.89 42.47
N PHE B 242 7.63 -25.82 42.57
CA PHE B 242 7.17 -24.47 42.29
C PHE B 242 7.77 -23.92 40.99
N SER B 243 6.90 -23.68 39.99
CA SER B 243 7.34 -23.13 38.71
C SER B 243 7.54 -21.61 38.78
N ARG B 244 8.38 -21.12 37.87
CA ARG B 244 8.72 -19.70 37.73
C ARG B 244 7.53 -18.72 37.82
N VAL B 245 6.49 -18.97 37.00
CA VAL B 245 5.27 -18.17 36.93
C VAL B 245 4.53 -18.08 38.27
N GLN B 246 4.22 -19.24 38.86
CA GLN B 246 3.49 -19.30 40.11
C GLN B 246 4.15 -18.38 41.15
N LEU B 247 5.46 -18.56 41.30
CA LEU B 247 6.30 -17.84 42.25
C LEU B 247 6.19 -16.33 42.12
N VAL B 248 6.23 -15.84 40.88
CA VAL B 248 6.23 -14.41 40.65
C VAL B 248 4.83 -13.83 40.76
N VAL B 249 3.84 -14.61 40.33
CA VAL B 249 2.44 -14.19 40.45
C VAL B 249 2.09 -14.06 41.93
N ALA B 250 2.45 -15.09 42.70
CA ALA B 250 2.33 -15.12 44.16
C ALA B 250 2.92 -13.86 44.81
N TYR B 251 4.15 -13.55 44.42
CA TYR B 251 4.90 -12.46 45.02
C TYR B 251 4.27 -11.10 44.73
N ILE B 252 3.85 -10.87 43.49
CA ILE B 252 3.24 -9.59 43.14
C ILE B 252 1.86 -9.50 43.79
N TRP B 253 1.13 -10.60 43.78
CA TRP B 253 -0.22 -10.62 44.32
C TRP B 253 -0.20 -10.16 45.79
N LYS B 254 0.67 -10.79 46.58
CA LYS B 254 0.82 -10.44 47.99
C LYS B 254 1.03 -8.93 48.15
N HIS B 255 1.82 -8.35 47.25
CA HIS B 255 2.17 -6.94 47.38
C HIS B 255 1.10 -5.97 46.88
N VAL B 256 0.30 -6.38 45.90
CA VAL B 256 -0.79 -5.49 45.47
C VAL B 256 -1.92 -5.55 46.47
N ILE B 257 -2.07 -6.68 47.15
CA ILE B 257 -3.07 -6.81 48.21
C ILE B 257 -2.78 -5.78 49.31
N ASP B 258 -1.52 -5.69 49.72
CA ASP B 258 -1.11 -4.75 50.77
C ASP B 258 -1.42 -3.31 50.40
N VAL B 259 -1.14 -2.93 49.14
CA VAL B 259 -1.39 -1.56 48.69
C VAL B 259 -2.90 -1.28 48.48
N THR B 260 -3.64 -2.31 48.05
CA THR B 260 -5.10 -2.24 47.86
C THR B 260 -5.88 -2.10 49.18
N ARG B 261 -5.56 -2.95 50.16
CA ARG B 261 -6.15 -2.87 51.49
C ARG B 261 -5.71 -1.60 52.21
N ALA B 262 -4.60 -1.00 51.76
CA ALA B 262 -4.07 0.24 52.36
C ALA B 262 -4.75 1.52 51.86
N LYS B 263 -5.22 1.51 50.61
CA LYS B 263 -5.91 2.67 50.00
C LYS B 263 -7.43 2.52 50.04
N TYR B 264 -7.95 1.40 49.58
CA TYR B 264 -9.38 1.07 49.68
C TYR B 264 -9.59 0.26 50.95
N GLY B 265 -10.85 -0.01 51.31
CA GLY B 265 -11.13 -0.78 52.51
C GLY B 265 -10.73 -2.25 52.42
N ALA B 266 -11.01 -3.00 53.47
CA ALA B 266 -10.94 -4.46 53.41
C ALA B 266 -12.35 -4.95 53.06
N LYS B 267 -12.69 -4.87 51.76
CA LYS B 267 -14.08 -5.12 51.31
C LYS B 267 -14.51 -6.60 51.27
N ASN B 268 -14.21 -7.31 50.18
CA ASN B 268 -14.41 -8.77 50.12
C ASN B 268 -13.13 -9.51 49.77
N LYS B 269 -13.33 -10.59 49.02
CA LYS B 269 -12.27 -11.37 48.37
C LYS B 269 -11.06 -10.58 47.83
N PHE B 270 -9.95 -11.29 47.67
CA PHE B 270 -8.84 -10.86 46.81
C PHE B 270 -8.64 -11.94 45.76
N VAL B 271 -8.67 -11.54 44.49
CA VAL B 271 -8.67 -12.52 43.42
C VAL B 271 -7.59 -12.22 42.41
N VAL B 272 -6.92 -13.28 41.97
CA VAL B 272 -6.02 -13.22 40.83
C VAL B 272 -6.54 -14.13 39.70
N VAL B 273 -6.54 -13.62 38.48
CA VAL B 273 -6.97 -14.37 37.32
C VAL B 273 -5.83 -14.52 36.32
N GLN B 274 -5.80 -15.64 35.61
CA GLN B 274 -4.82 -15.88 34.57
C GLN B 274 -5.50 -16.35 33.29
N ALA B 275 -5.07 -15.75 32.17
CA ALA B 275 -5.44 -16.16 30.82
C ALA B 275 -4.37 -17.11 30.31
N VAL B 276 -4.79 -18.30 29.89
CA VAL B 276 -3.89 -19.35 29.45
C VAL B 276 -4.45 -20.00 28.21
N ASN B 277 -3.61 -20.76 27.50
CA ASN B 277 -4.02 -21.41 26.25
C ASN B 277 -5.15 -22.44 26.40
N LEU B 278 -6.31 -22.15 25.79
CA LEU B 278 -7.44 -23.09 25.88
C LEU B 278 -7.35 -24.26 24.89
N ARG B 279 -6.41 -24.19 23.96
CA ARG B 279 -6.25 -25.22 22.91
C ARG B 279 -6.00 -26.64 23.47
N SER B 280 -4.82 -26.85 24.06
CA SER B 280 -4.45 -28.16 24.63
C SER B 280 -5.31 -28.60 25.83
N ARG B 281 -6.28 -27.76 26.22
CA ARG B 281 -7.09 -28.02 27.40
C ARG B 281 -8.51 -28.55 27.15
N MET B 282 -8.94 -28.66 25.90
CA MET B 282 -10.26 -29.24 25.64
C MET B 282 -10.19 -30.73 25.29
N ASN B 283 -11.35 -31.37 25.28
CA ASN B 283 -11.48 -32.80 25.02
C ASN B 283 -12.41 -32.99 23.82
N PRO B 284 -11.84 -33.27 22.63
CA PRO B 284 -10.42 -33.51 22.38
C PRO B 284 -9.68 -32.22 22.04
N PRO B 285 -8.38 -32.14 22.39
CA PRO B 285 -7.58 -30.92 22.35
C PRO B 285 -7.46 -30.29 20.97
N LEU B 286 -6.96 -29.05 20.91
CA LEU B 286 -6.73 -28.40 19.62
C LEU B 286 -5.25 -28.01 19.37
N PRO B 287 -4.84 -28.03 18.10
CA PRO B 287 -3.46 -27.73 17.69
C PRO B 287 -3.03 -26.31 18.05
N HIS B 288 -1.73 -26.13 18.35
CA HIS B 288 -1.15 -24.82 18.58
C HIS B 288 -1.46 -23.81 17.46
N TYR B 289 -1.51 -24.31 16.22
CA TYR B 289 -1.70 -23.49 15.01
C TYR B 289 -3.15 -23.15 14.66
N ALA B 290 -4.09 -23.49 15.54
CA ALA B 290 -5.45 -22.96 15.43
C ALA B 290 -5.45 -21.45 15.67
N MET B 291 -5.91 -20.70 14.68
CA MET B 291 -5.89 -19.23 14.74
C MET B 291 -7.15 -18.67 15.38
N GLY B 292 -6.98 -17.63 16.20
CA GLY B 292 -8.10 -16.97 16.84
C GLY B 292 -7.90 -16.88 18.33
N ASN B 293 -8.86 -16.26 19.02
CA ASN B 293 -8.82 -16.23 20.46
C ASN B 293 -9.26 -17.58 21.00
N ILE B 294 -8.31 -18.35 21.50
CA ILE B 294 -8.64 -19.66 22.06
C ILE B 294 -8.01 -19.77 23.45
N ALA B 295 -8.51 -18.93 24.36
CA ALA B 295 -7.98 -18.85 25.70
C ALA B 295 -9.08 -18.96 26.74
N THR B 296 -8.67 -19.14 28.00
CA THR B 296 -9.62 -19.21 29.10
C THR B 296 -9.12 -18.38 30.29
N LEU B 297 -9.99 -18.16 31.28
CA LEU B 297 -9.65 -17.42 32.51
C LEU B 297 -9.64 -18.36 33.70
N LEU B 298 -8.56 -18.33 34.48
CA LEU B 298 -8.45 -19.14 35.70
C LEU B 298 -8.22 -18.28 36.96
N PHE B 299 -8.89 -18.63 38.05
CA PHE B 299 -8.89 -17.79 39.26
C PHE B 299 -8.39 -18.49 40.52
N ALA B 300 -7.62 -17.74 41.32
CA ALA B 300 -7.28 -18.10 42.69
C ALA B 300 -7.86 -17.03 43.61
N ALA B 301 -8.17 -17.37 44.86
CA ALA B 301 -8.78 -16.37 45.77
C ALA B 301 -8.48 -16.53 47.26
N VAL B 302 -8.48 -15.38 47.95
CA VAL B 302 -8.29 -15.30 49.40
C VAL B 302 -9.22 -14.23 49.97
N ASP B 303 -9.69 -14.40 51.22
CA ASP B 303 -10.79 -13.56 51.74
C ASP B 303 -10.38 -12.14 52.19
N ALA B 304 -11.29 -11.46 52.89
CA ALA B 304 -11.19 -10.03 53.25
C ALA B 304 -9.85 -9.53 53.86
N GLU B 305 -9.47 -10.13 54.99
CA GLU B 305 -8.16 -9.88 55.60
C GLU B 305 -7.35 -11.17 55.55
N TRP B 306 -6.21 -11.12 54.86
CA TRP B 306 -5.39 -12.32 54.66
C TRP B 306 -4.12 -12.34 55.54
N ASP B 307 -3.22 -11.37 55.33
CA ASP B 307 -2.06 -11.12 56.23
C ASP B 307 -0.96 -12.19 56.33
N LYS B 308 -0.95 -13.17 55.42
CA LYS B 308 0.09 -14.20 55.42
C LYS B 308 1.30 -13.75 54.59
N ASP B 309 2.29 -14.65 54.43
CA ASP B 309 3.46 -14.38 53.57
C ASP B 309 3.14 -14.81 52.12
N PHE B 310 4.00 -14.50 51.15
CA PHE B 310 3.69 -14.83 49.74
C PHE B 310 3.54 -16.33 49.36
N PRO B 311 4.32 -17.25 50.00
CA PRO B 311 4.26 -18.68 49.63
C PRO B 311 2.97 -19.48 49.97
N ASP B 312 2.09 -18.95 50.83
CA ASP B 312 0.82 -19.63 51.12
C ASP B 312 -0.18 -19.40 50.00
N LEU B 313 0.22 -18.65 48.98
CA LEU B 313 -0.58 -18.39 47.79
C LEU B 313 -0.27 -19.34 46.63
N ILE B 314 0.85 -20.06 46.75
CA ILE B 314 1.26 -21.01 45.70
C ILE B 314 0.40 -22.28 45.74
N GLY B 315 -0.22 -22.54 46.89
CA GLY B 315 -1.21 -23.60 46.98
C GLY B 315 -2.36 -23.34 46.04
N PRO B 316 -3.24 -22.37 46.39
CA PRO B 316 -4.41 -22.02 45.60
C PRO B 316 -4.16 -21.85 44.11
N LEU B 317 -3.05 -21.21 43.74
CA LEU B 317 -2.74 -20.95 42.33
C LEU B 317 -2.40 -22.22 41.54
N ARG B 318 -1.81 -23.21 42.22
CA ARG B 318 -1.39 -24.47 41.58
C ARG B 318 -2.59 -25.27 41.04
N THR B 319 -3.45 -25.73 41.95
CA THR B 319 -4.64 -26.48 41.56
C THR B 319 -5.52 -25.67 40.63
N SER B 320 -5.26 -24.36 40.58
CA SER B 320 -5.99 -23.46 39.70
C SER B 320 -5.73 -23.80 38.24
N LEU B 321 -4.48 -24.06 37.88
CA LEU B 321 -4.11 -24.37 36.50
C LEU B 321 -4.39 -25.83 36.17
N GLU B 322 -4.48 -26.64 37.21
CA GLU B 322 -4.68 -28.07 37.08
C GLU B 322 -5.82 -28.37 36.10
N LYS B 323 -5.54 -29.25 35.14
CA LYS B 323 -6.56 -29.71 34.19
C LYS B 323 -7.71 -30.39 34.93
N THR B 324 -8.90 -30.29 34.36
CA THR B 324 -10.11 -30.56 35.12
C THR B 324 -11.08 -31.45 34.35
N GLU B 325 -11.88 -32.21 35.11
CA GLU B 325 -12.93 -33.06 34.56
C GLU B 325 -14.18 -32.26 34.20
N ASP B 326 -13.99 -31.08 33.60
CA ASP B 326 -15.09 -30.19 33.25
C ASP B 326 -14.87 -29.54 31.89
N ASP B 327 -15.95 -29.26 31.17
CA ASP B 327 -15.88 -28.57 29.88
C ASP B 327 -15.46 -27.11 30.02
N HIS B 328 -15.21 -26.43 28.89
CA HIS B 328 -14.81 -25.02 28.91
C HIS B 328 -15.90 -24.07 29.43
N ASN B 329 -17.17 -24.43 29.20
CA ASN B 329 -18.31 -23.63 29.64
C ASN B 329 -18.49 -23.53 31.16
N HIS B 330 -18.27 -24.66 31.84
CA HIS B 330 -18.14 -24.69 33.30
C HIS B 330 -17.01 -23.77 33.79
N GLU B 331 -15.89 -23.74 33.08
CA GLU B 331 -14.76 -22.86 33.44
C GLU B 331 -15.11 -21.38 33.20
N LEU B 332 -15.57 -21.08 31.98
CA LEU B 332 -15.87 -19.70 31.59
C LEU B 332 -16.95 -19.06 32.47
N LEU B 333 -18.07 -19.77 32.66
CA LEU B 333 -19.17 -19.26 33.48
C LEU B 333 -18.78 -19.01 34.94
N LYS B 334 -18.15 -20.01 35.54
CA LYS B 334 -17.70 -19.93 36.93
C LYS B 334 -16.68 -18.83 37.06
N GLY B 335 -15.99 -18.61 35.94
CA GLY B 335 -15.07 -17.51 35.79
C GLY B 335 -15.78 -16.18 35.88
N MET B 336 -16.68 -15.91 34.94
CA MET B 336 -17.36 -14.61 34.88
C MET B 336 -18.17 -14.31 36.16
N THR B 337 -18.56 -15.35 36.90
CA THR B 337 -19.36 -15.23 38.13
C THR B 337 -18.55 -14.68 39.29
N CYS B 338 -17.28 -15.10 39.39
CA CYS B 338 -16.36 -14.58 40.40
C CYS B 338 -15.67 -13.31 39.91
N LEU B 339 -16.36 -12.57 39.04
CA LEU B 339 -15.78 -11.42 38.35
C LEU B 339 -16.73 -10.22 38.33
N TYR B 340 -17.87 -10.36 37.67
CA TYR B 340 -18.83 -9.26 37.58
C TYR B 340 -19.23 -8.79 38.98
N GLU B 341 -18.95 -9.62 39.98
CA GLU B 341 -19.33 -9.31 41.35
C GLU B 341 -18.16 -8.75 42.17
N LEU B 342 -17.05 -8.46 41.49
CA LEU B 342 -15.93 -7.79 42.15
C LEU B 342 -16.03 -6.28 42.04
N GLU B 343 -15.54 -5.59 43.06
CA GLU B 343 -15.24 -4.17 42.97
C GLU B 343 -13.86 -4.04 42.32
N PRO B 344 -13.64 -2.96 41.52
CA PRO B 344 -12.47 -2.81 40.66
C PRO B 344 -11.15 -3.26 41.27
N GLN B 345 -10.91 -2.89 42.53
CA GLN B 345 -9.60 -3.07 43.16
C GLN B 345 -9.26 -4.52 43.54
N GLU B 346 -10.28 -5.37 43.63
CA GLU B 346 -10.10 -6.74 44.13
C GLU B 346 -9.56 -7.73 43.10
N LEU B 347 -9.54 -7.29 41.84
CA LEU B 347 -9.07 -8.13 40.74
C LEU B 347 -7.66 -7.79 40.29
N LEU B 348 -6.82 -8.81 40.19
CA LEU B 348 -5.53 -8.69 39.53
C LEU B 348 -5.41 -9.74 38.39
N SER B 349 -4.92 -9.33 37.20
CA SER B 349 -4.74 -10.29 36.08
C SER B 349 -3.32 -10.42 35.50
N PHE B 350 -3.09 -11.60 34.91
CA PHE B 350 -1.85 -11.95 34.22
C PHE B 350 -2.16 -12.78 32.98
N THR B 351 -1.88 -12.21 31.80
CA THR B 351 -1.75 -13.00 30.58
C THR B 351 -0.29 -13.34 30.46
N SER B 352 0.05 -14.54 29.98
CA SER B 352 1.47 -14.87 29.80
C SER B 352 1.86 -14.98 28.35
N TRP B 353 2.96 -14.31 28.02
CA TRP B 353 3.61 -14.41 26.72
C TRP B 353 4.82 -15.33 26.83
N CYS B 354 4.89 -16.08 27.93
CA CYS B 354 6.07 -16.89 28.25
C CYS B 354 6.18 -18.14 27.37
N ARG B 355 7.43 -18.57 27.12
CA ARG B 355 7.75 -19.80 26.39
C ARG B 355 7.04 -19.93 25.03
N LEU B 356 7.13 -18.87 24.20
CA LEU B 356 6.44 -18.82 22.91
C LEU B 356 7.37 -18.71 21.70
N GLY B 357 8.68 -18.65 22.00
CA GLY B 357 9.73 -18.69 20.99
C GLY B 357 10.11 -17.31 20.48
N PHE B 358 9.64 -16.27 21.17
CA PHE B 358 9.86 -14.89 20.73
C PHE B 358 11.33 -14.54 20.60
N TYR B 359 12.17 -14.98 21.53
CA TYR B 359 13.59 -14.64 21.49
C TYR B 359 14.36 -15.50 20.47
N ASP B 360 13.62 -16.31 19.72
CA ASP B 360 14.20 -17.16 18.68
C ASP B 360 13.83 -16.65 17.30
N LEU B 361 12.98 -15.62 17.25
CA LEU B 361 12.51 -15.09 15.97
C LEU B 361 13.63 -14.48 15.17
N ASP B 362 14.03 -15.21 14.13
CA ASP B 362 15.13 -14.83 13.31
C ASP B 362 14.68 -14.65 11.87
N PHE B 363 14.83 -13.44 11.36
CA PHE B 363 14.37 -13.11 10.02
C PHE B 363 15.44 -13.42 8.99
N GLY B 364 16.65 -13.72 9.48
CA GLY B 364 17.81 -13.98 8.62
C GLY B 364 19.09 -13.23 8.96
N TRP B 365 19.06 -12.40 10.00
CA TRP B 365 20.24 -11.67 10.46
C TRP B 365 20.34 -11.60 12.00
N GLY B 366 19.79 -12.60 12.68
CA GLY B 366 19.98 -12.76 14.11
C GLY B 366 18.71 -12.68 14.95
N LYS B 367 18.84 -13.14 16.19
CA LYS B 367 17.70 -13.14 17.12
C LYS B 367 17.56 -11.79 17.84
N PRO B 368 16.40 -11.52 18.47
CA PRO B 368 16.23 -10.19 19.06
C PRO B 368 17.06 -9.94 20.32
N LEU B 369 17.39 -8.66 20.51
CA LEU B 369 17.95 -8.15 21.75
C LEU B 369 16.85 -8.02 22.82
N SER B 370 15.65 -7.60 22.42
CA SER B 370 14.57 -7.47 23.37
C SER B 370 13.22 -7.47 22.68
N ALA B 371 12.19 -7.86 23.45
CA ALA B 371 10.80 -7.83 23.00
C ALA B 371 9.98 -7.02 24.01
N CYS B 372 9.12 -6.17 23.50
CA CYS B 372 8.44 -5.19 24.31
C CYS B 372 6.98 -5.09 23.96
N THR B 373 6.23 -4.36 24.75
CA THR B 373 4.87 -3.98 24.39
C THR B 373 4.65 -2.55 24.84
N THR B 374 3.42 -2.08 24.72
CA THR B 374 3.10 -0.73 25.13
C THR B 374 2.07 -0.76 26.27
N THR B 375 1.67 0.41 26.75
CA THR B 375 0.83 0.51 27.93
C THR B 375 -0.59 0.08 27.65
N PHE B 376 -1.02 -1.03 28.25
CA PHE B 376 -2.44 -1.36 28.30
C PHE B 376 -3.02 -0.41 29.34
N PRO B 377 -3.90 0.53 28.91
CA PRO B 377 -4.33 1.58 29.84
C PRO B 377 -5.46 1.16 30.80
N LYS B 378 -5.22 0.11 31.58
CA LYS B 378 -6.11 -0.25 32.70
C LYS B 378 -5.30 -0.68 33.92
N ARG B 379 -5.76 -0.28 35.11
CA ARG B 379 -5.11 -0.63 36.39
C ARG B 379 -4.99 -2.13 36.49
N ASN B 380 -3.83 -2.62 36.93
CA ASN B 380 -3.64 -4.01 37.33
C ASN B 380 -3.99 -5.06 36.28
N ALA B 381 -3.83 -4.72 35.01
CA ALA B 381 -3.93 -5.72 33.94
C ALA B 381 -2.52 -6.04 33.43
N ALA B 382 -1.84 -6.96 34.09
CA ALA B 382 -0.43 -7.25 33.84
C ALA B 382 -0.17 -8.26 32.76
N LEU B 383 1.08 -8.34 32.33
CA LEU B 383 1.52 -9.27 31.29
C LEU B 383 2.80 -9.87 31.80
N LEU B 384 2.94 -11.19 31.62
CA LEU B 384 4.18 -11.88 31.97
C LEU B 384 4.94 -12.20 30.71
N MET B 385 6.26 -11.96 30.75
CA MET B 385 7.17 -12.15 29.60
C MET B 385 8.42 -12.94 29.95
N ASP B 386 8.93 -13.70 28.97
CA ASP B 386 10.24 -14.35 29.05
C ASP B 386 11.35 -13.29 29.15
N THR B 387 12.54 -13.71 29.58
CA THR B 387 13.76 -12.89 29.47
C THR B 387 14.58 -13.36 28.27
N ARG B 388 15.50 -12.52 27.79
CA ARG B 388 16.36 -12.90 26.68
C ARG B 388 17.14 -14.16 27.07
N SER B 389 17.62 -14.16 28.32
CA SER B 389 18.40 -15.26 28.92
C SER B 389 17.65 -16.60 29.19
N GLY B 390 16.32 -16.58 29.06
CA GLY B 390 15.53 -17.80 29.23
C GLY B 390 15.27 -18.17 30.68
N ASP B 391 16.16 -17.73 31.58
CA ASP B 391 15.93 -17.81 33.03
C ASP B 391 15.08 -16.59 33.40
N GLY B 392 14.46 -16.62 34.58
CA GLY B 392 13.58 -15.50 35.01
C GLY B 392 12.39 -15.05 34.15
N VAL B 393 11.66 -14.05 34.65
CA VAL B 393 10.45 -13.53 34.01
C VAL B 393 10.32 -12.00 34.17
N GLU B 394 9.78 -11.35 33.13
CA GLU B 394 9.42 -9.94 33.16
C GLU B 394 7.93 -9.73 33.47
N ALA B 395 7.63 -8.88 34.43
CA ALA B 395 6.26 -8.53 34.70
C ALA B 395 5.97 -7.12 34.21
N TRP B 396 5.15 -6.99 33.19
CA TRP B 396 4.75 -5.67 32.71
C TRP B 396 3.46 -5.27 33.43
N LEU B 397 3.61 -4.48 34.48
CA LEU B 397 2.52 -4.14 35.40
C LEU B 397 2.05 -2.70 35.29
N PRO B 398 0.83 -2.52 34.81
CA PRO B 398 0.25 -1.19 34.79
C PRO B 398 -0.53 -0.92 36.08
N MET B 399 -0.28 0.24 36.69
CA MET B 399 -0.99 0.63 37.92
C MET B 399 -1.31 2.11 37.93
N ALA B 400 -2.22 2.52 38.82
CA ALA B 400 -2.37 3.92 39.18
C ALA B 400 -1.03 4.44 39.69
N GLU B 401 -0.64 5.64 39.25
CA GLU B 401 0.67 6.20 39.59
C GLU B 401 0.89 6.13 41.11
N ASP B 402 -0.09 6.63 41.86
CA ASP B 402 0.03 6.71 43.31
C ASP B 402 0.04 5.33 43.96
N GLU B 403 -0.43 4.31 43.24
CA GLU B 403 -0.46 2.96 43.78
C GLU B 403 0.88 2.28 43.53
N MET B 404 1.41 2.42 42.32
CA MET B 404 2.72 1.94 41.98
C MET B 404 3.72 2.42 43.03
N ALA B 405 3.57 3.69 43.41
CA ALA B 405 4.42 4.34 44.38
C ALA B 405 4.37 3.68 45.78
N MET B 406 3.26 3.02 46.09
CA MET B 406 3.02 2.38 47.39
C MET B 406 3.68 1.01 47.54
N LEU B 407 4.07 0.42 46.40
CA LEU B 407 4.74 -0.88 46.37
C LEU B 407 6.00 -0.81 47.22
N PRO B 408 6.36 -1.91 47.88
CA PRO B 408 7.57 -1.90 48.71
C PRO B 408 8.88 -1.91 47.89
N VAL B 409 10.00 -1.49 48.50
CA VAL B 409 11.30 -1.35 47.82
C VAL B 409 11.81 -2.63 47.12
N GLU B 410 11.70 -3.78 47.80
CA GLU B 410 12.09 -5.08 47.24
C GLU B 410 11.47 -5.30 45.86
N LEU B 411 10.26 -4.79 45.66
CA LEU B 411 9.56 -4.86 44.38
C LEU B 411 9.99 -3.76 43.42
N LEU B 412 9.92 -2.51 43.88
CA LEU B 412 10.24 -1.35 43.06
C LEU B 412 11.64 -1.38 42.44
N SER B 413 12.60 -2.00 43.14
CA SER B 413 13.98 -2.08 42.64
C SER B 413 14.11 -3.03 41.44
N LEU B 414 13.06 -3.80 41.18
CA LEU B 414 13.06 -4.70 40.04
C LEU B 414 12.69 -4.01 38.72
N VAL B 415 12.21 -2.77 38.82
CA VAL B 415 11.95 -1.95 37.63
C VAL B 415 13.27 -1.80 36.87
N ASP B 416 13.26 -2.21 35.61
CA ASP B 416 14.39 -2.01 34.72
C ASP B 416 13.93 -1.37 33.41
N SER B 417 14.65 -0.33 32.98
CA SER B 417 14.29 0.42 31.77
C SER B 417 15.36 0.34 30.68
N ASP B 418 16.34 -0.52 30.90
CA ASP B 418 17.44 -0.76 29.96
C ASP B 418 17.14 -1.99 29.14
N PHE B 419 16.94 -1.80 27.84
CA PHE B 419 16.63 -2.90 26.91
C PHE B 419 17.79 -3.20 25.98
N SER B 420 18.99 -2.80 26.41
CA SER B 420 20.19 -2.78 25.57
C SER B 420 21.19 -3.88 25.94
N LYS B 421 20.82 -4.69 26.93
CA LYS B 421 21.69 -5.74 27.45
C LYS B 421 21.11 -7.15 27.17
#